data_1M1Z
#
_entry.id   1M1Z
#
_cell.length_a   61.179
_cell.length_b   97.469
_cell.length_c   80.968
_cell.angle_alpha   90.00
_cell.angle_beta   90.42
_cell.angle_gamma   90.00
#
_symmetry.space_group_name_H-M   'P 1 21 1'
#
loop_
_entity.id
_entity.type
_entity.pdbx_description
1 polymer 'BETA-LACTAM SYNTHETASE'
2 water water
#
_entity_poly.entity_id   1
_entity_poly.type   'polypeptide(L)'
_entity_poly.pdbx_seq_one_letter_code
;MGAPVLPAAFGFLASARTGGGRAPGPVFATRGSHTDIDTPQGERSLAATLVHAPSVAPDRAVARSLTGAPTTAVLAGEIY
NRDELLSVLPAGPAPEGDAELVLRLLERYDLHAFRLVNGRFATVVRTGDRVLLATDHAGSVPLYTCVAPGEVRASTEAKA
LAAHRDPKGFPLADARRVAGLTGVYQVPAGAVMDIDLGSGTAVTHRTWTPGLSRRILPEGEAVAAVRAALEKAVAQRVTP
GDTPLVVLSGGIDSSGVAACAHRAAGELDTVSMGTDTSNEFREARAVVDHLRTRHREITIPTTELLAQLPYAVWASESVD
PDIIEYLLPLTALYRALDGPERRILTGYGADIPLGGMHREDRLPALDTVLAHDMATFDGLNEMSPVLSTLAGHWTTHPYW
DREVLDLLVSLEAGLKRRHGRDKWVLRAAMADALPAETVNRPKLGVHEGSGTTSSFSRLLLDHGVAEDRVHEAKRQVVRE
LFDLTVGGGRHPSEVDTDDVVRSVADRTARGAA
;
_entity_poly.pdbx_strand_id   A,B
#
# COMPACT_ATOMS: atom_id res chain seq x y z
N ALA A 3 38.62 2.67 10.15
CA ALA A 3 38.16 3.51 9.01
C ALA A 3 36.71 3.20 8.66
N PRO A 4 35.93 4.23 8.28
CA PRO A 4 34.51 4.05 7.93
C PRO A 4 34.26 3.29 6.62
N VAL A 5 33.71 2.09 6.74
CA VAL A 5 33.42 1.28 5.57
C VAL A 5 32.35 1.95 4.72
N LEU A 6 32.66 2.10 3.44
CA LEU A 6 31.75 2.73 2.49
C LEU A 6 31.23 1.70 1.51
N PRO A 7 30.13 2.02 0.80
CA PRO A 7 29.54 1.11 -0.18
C PRO A 7 30.56 0.76 -1.25
N ALA A 8 30.41 -0.41 -1.86
CA ALA A 8 31.34 -0.85 -2.91
C ALA A 8 31.35 0.13 -4.08
N ALA A 9 30.22 0.79 -4.32
CA ALA A 9 30.11 1.80 -5.37
C ALA A 9 29.08 2.86 -4.97
N PHE A 10 29.33 4.10 -5.40
CA PHE A 10 28.45 5.23 -5.12
C PHE A 10 27.49 5.43 -6.29
N GLY A 11 27.96 5.10 -7.49
CA GLY A 11 27.12 5.28 -8.67
C GLY A 11 27.71 4.57 -9.86
N PHE A 12 27.12 4.79 -11.03
CA PHE A 12 27.59 4.13 -12.24
C PHE A 12 26.94 4.70 -13.49
N LEU A 13 27.48 4.30 -14.64
CA LEU A 13 26.97 4.63 -15.95
C LEU A 13 27.12 3.27 -16.62
N ALA A 14 26.01 2.68 -17.05
CA ALA A 14 26.03 1.37 -17.68
C ALA A 14 25.30 1.40 -19.01
N SER A 15 25.56 0.40 -19.84
CA SER A 15 24.91 0.33 -21.14
C SER A 15 24.85 -1.10 -21.64
N ALA A 16 23.76 -1.42 -22.32
CA ALA A 16 23.59 -2.74 -22.90
C ALA A 16 23.23 -2.53 -24.35
N ARG A 17 24.03 -3.10 -25.24
CA ARG A 17 23.78 -2.98 -26.69
C ARG A 17 24.06 -4.26 -27.45
N THR A 18 23.79 -4.22 -28.75
CA THR A 18 24.00 -5.36 -29.64
C THR A 18 24.84 -4.90 -30.83
N GLY A 19 25.05 -3.58 -30.91
CA GLY A 19 25.84 -3.03 -31.99
C GLY A 19 27.05 -2.25 -31.51
N GLY A 20 27.12 -0.97 -31.88
CA GLY A 20 28.24 -0.15 -31.48
C GLY A 20 28.47 -0.15 -29.99
N GLY A 25 33.46 9.25 -22.06
CA GLY A 25 34.07 9.91 -20.91
C GLY A 25 33.06 10.28 -19.84
N PRO A 26 32.64 9.32 -19.01
CA PRO A 26 31.67 9.53 -17.93
C PRO A 26 32.13 10.60 -16.94
N VAL A 27 31.30 11.62 -16.75
CA VAL A 27 31.60 12.71 -15.80
C VAL A 27 30.50 12.74 -14.74
N PHE A 28 30.90 12.56 -13.49
CA PHE A 28 29.95 12.55 -12.38
C PHE A 28 30.17 13.68 -11.40
N ALA A 29 29.13 13.98 -10.62
CA ALA A 29 29.22 15.00 -9.59
C ALA A 29 29.84 14.28 -8.40
N THR A 30 29.57 12.98 -8.31
CA THR A 30 30.11 12.17 -7.24
C THR A 30 31.64 12.15 -7.35
N ARG A 31 32.31 12.34 -6.23
CA ARG A 31 33.77 12.34 -6.19
C ARG A 31 34.29 10.95 -5.88
N GLY A 32 35.38 10.55 -6.54
CA GLY A 32 35.94 9.24 -6.30
C GLY A 32 36.61 8.61 -7.50
N SER A 33 37.00 7.35 -7.34
CA SER A 33 37.67 6.61 -8.40
C SER A 33 36.68 6.08 -9.44
N HIS A 34 37.20 5.72 -10.61
CA HIS A 34 36.37 5.14 -11.66
C HIS A 34 37.01 3.81 -12.02
N THR A 35 36.18 2.81 -12.24
CA THR A 35 36.64 1.49 -12.63
C THR A 35 35.67 0.96 -13.67
N ASP A 36 36.19 0.54 -14.82
CA ASP A 36 35.31 -0.02 -15.85
C ASP A 36 35.35 -1.53 -15.64
N ILE A 37 34.18 -2.16 -15.61
CA ILE A 37 34.13 -3.61 -15.42
C ILE A 37 34.51 -4.32 -16.71
N ASP A 38 34.93 -5.58 -16.58
CA ASP A 38 35.31 -6.35 -17.75
C ASP A 38 34.07 -6.70 -18.58
N THR A 39 34.27 -6.92 -19.87
CA THR A 39 33.19 -7.29 -20.78
C THR A 39 33.54 -8.61 -21.48
N PRO A 40 33.41 -9.75 -20.76
CA PRO A 40 33.71 -11.10 -21.24
C PRO A 40 33.21 -11.41 -22.66
N GLN A 41 31.92 -11.21 -22.91
CA GLN A 41 31.36 -11.48 -24.22
C GLN A 41 31.19 -10.21 -25.07
N GLY A 42 32.24 -9.40 -25.11
CA GLY A 42 32.23 -8.18 -25.89
C GLY A 42 31.03 -7.26 -25.76
N GLU A 43 30.56 -6.76 -26.90
CA GLU A 43 29.43 -5.83 -26.96
C GLU A 43 28.12 -6.48 -26.53
N ARG A 44 28.14 -7.77 -26.23
CA ARG A 44 26.94 -8.47 -25.78
C ARG A 44 26.89 -8.47 -24.26
N SER A 45 27.99 -8.05 -23.63
CA SER A 45 28.06 -8.00 -22.17
C SER A 45 27.55 -6.64 -21.68
N LEU A 46 27.27 -6.54 -20.39
CA LEU A 46 26.84 -5.28 -19.83
C LEU A 46 28.10 -4.46 -19.55
N ALA A 47 28.26 -3.35 -20.25
CA ALA A 47 29.42 -2.48 -20.06
C ALA A 47 29.05 -1.48 -18.98
N ALA A 48 30.03 -1.02 -18.20
CA ALA A 48 29.72 -0.05 -17.15
C ALA A 48 30.93 0.56 -16.49
N THR A 49 30.78 1.80 -16.07
CA THR A 49 31.84 2.49 -15.37
C THR A 49 31.29 2.77 -13.98
N LEU A 50 32.03 2.33 -12.97
CA LEU A 50 31.61 2.51 -11.58
C LEU A 50 32.36 3.66 -10.92
N VAL A 51 31.65 4.47 -10.14
CA VAL A 51 32.31 5.54 -9.42
C VAL A 51 32.25 5.13 -7.96
N HIS A 52 33.40 5.11 -7.30
CA HIS A 52 33.48 4.64 -5.93
C HIS A 52 34.63 5.30 -5.15
N ALA A 53 34.67 5.05 -3.85
CA ALA A 53 35.73 5.63 -3.02
C ALA A 53 37.08 5.01 -3.36
N PRO A 54 38.16 5.82 -3.34
CA PRO A 54 39.48 5.28 -3.64
C PRO A 54 39.82 4.16 -2.66
N SER A 55 39.25 4.24 -1.47
CA SER A 55 39.51 3.27 -0.43
C SER A 55 38.73 1.96 -0.50
N VAL A 56 37.85 1.81 -1.48
CA VAL A 56 37.10 0.57 -1.58
C VAL A 56 37.34 -0.13 -2.92
N ALA A 57 37.16 -1.44 -2.93
CA ALA A 57 37.33 -2.23 -4.14
C ALA A 57 35.92 -2.36 -4.73
N PRO A 58 35.77 -2.08 -6.03
CA PRO A 58 34.49 -2.16 -6.75
C PRO A 58 33.90 -3.57 -6.82
N ASP A 59 34.75 -4.56 -6.59
CA ASP A 59 34.34 -5.96 -6.66
C ASP A 59 32.95 -6.32 -6.16
N ARG A 60 32.66 -5.96 -4.91
CA ARG A 60 31.38 -6.28 -4.30
C ARG A 60 30.19 -5.62 -4.97
N ALA A 61 30.44 -4.63 -5.82
CA ALA A 61 29.35 -3.93 -6.50
C ALA A 61 29.00 -4.56 -7.85
N VAL A 62 29.75 -5.59 -8.24
CA VAL A 62 29.52 -6.28 -9.51
C VAL A 62 29.41 -7.79 -9.29
N ALA A 63 28.39 -8.42 -9.87
CA ALA A 63 28.22 -9.86 -9.76
C ALA A 63 27.87 -10.43 -11.14
N ARG A 64 28.33 -11.64 -11.40
CA ARG A 64 28.08 -12.30 -12.68
C ARG A 64 27.59 -13.73 -12.42
N SER A 65 26.88 -14.29 -13.39
CA SER A 65 26.39 -15.66 -13.29
C SER A 65 25.90 -16.13 -14.64
N LEU A 66 25.61 -17.42 -14.73
CA LEU A 66 25.11 -18.02 -15.97
C LEU A 66 23.71 -18.59 -15.76
N THR A 67 23.15 -18.38 -14.57
CA THR A 67 21.82 -18.87 -14.26
C THR A 67 20.79 -18.21 -15.18
N GLY A 68 20.13 -19.01 -16.01
CA GLY A 68 19.12 -18.50 -16.92
C GLY A 68 19.72 -18.10 -18.26
N ALA A 69 20.83 -17.38 -18.20
CA ALA A 69 21.57 -16.91 -19.37
C ALA A 69 22.72 -16.08 -18.82
N PRO A 70 23.66 -15.65 -19.68
CA PRO A 70 24.79 -14.84 -19.19
C PRO A 70 24.21 -13.62 -18.49
N THR A 71 24.56 -13.46 -17.22
CA THR A 71 24.03 -12.35 -16.42
C THR A 71 25.08 -11.51 -15.70
N THR A 72 24.88 -10.20 -15.69
CA THR A 72 25.78 -9.28 -15.02
C THR A 72 24.95 -8.26 -14.24
N ALA A 73 25.32 -8.02 -12.98
CA ALA A 73 24.62 -7.06 -12.14
C ALA A 73 25.58 -6.03 -11.56
N VAL A 74 25.17 -4.76 -11.59
CA VAL A 74 25.97 -3.68 -11.02
C VAL A 74 25.07 -3.00 -9.99
N LEU A 75 25.57 -2.77 -8.78
CA LEU A 75 24.77 -2.13 -7.73
C LEU A 75 25.49 -0.98 -7.02
N ALA A 76 24.81 0.16 -6.93
CA ALA A 76 25.34 1.34 -6.25
C ALA A 76 24.63 1.42 -4.91
N GLY A 77 25.38 1.65 -3.85
CA GLY A 77 24.77 1.74 -2.53
C GLY A 77 24.91 0.47 -1.72
N GLU A 78 23.93 0.22 -0.85
CA GLU A 78 23.98 -0.95 0.03
C GLU A 78 22.61 -1.48 0.45
N ILE A 79 22.63 -2.69 1.00
CA ILE A 79 21.43 -3.37 1.48
C ILE A 79 21.51 -3.50 3.00
N TYR A 80 20.40 -3.22 3.69
CA TYR A 80 20.39 -3.26 5.14
C TYR A 80 19.84 -4.53 5.78
N ASN A 81 18.77 -5.10 5.21
CA ASN A 81 18.21 -6.33 5.78
C ASN A 81 18.92 -7.55 5.20
N ARG A 82 20.25 -7.56 5.28
CA ARG A 82 21.04 -8.67 4.73
C ARG A 82 20.77 -10.03 5.37
N ASP A 83 20.72 -10.09 6.69
CA ASP A 83 20.46 -11.37 7.36
C ASP A 83 19.11 -11.94 6.95
N GLU A 84 18.10 -11.08 6.87
CA GLU A 84 16.77 -11.54 6.46
C GLU A 84 16.85 -12.17 5.07
N LEU A 85 17.50 -11.48 4.13
CA LEU A 85 17.61 -11.95 2.75
C LEU A 85 18.39 -13.26 2.61
N LEU A 86 19.45 -13.40 3.39
CA LEU A 86 20.27 -14.61 3.36
C LEU A 86 19.44 -15.79 3.87
N SER A 87 18.51 -15.52 4.78
CA SER A 87 17.67 -16.57 5.35
C SER A 87 16.70 -17.23 4.37
N VAL A 88 16.43 -16.61 3.23
CA VAL A 88 15.50 -17.20 2.26
C VAL A 88 16.19 -17.85 1.08
N LEU A 89 17.52 -17.86 1.10
CA LEU A 89 18.30 -18.46 0.03
C LEU A 89 18.69 -19.89 0.39
N PRO A 90 18.79 -20.77 -0.62
CA PRO A 90 19.15 -22.18 -0.44
C PRO A 90 20.66 -22.36 -0.32
N ALA A 91 21.10 -23.62 -0.29
CA ALA A 91 22.52 -23.95 -0.18
C ALA A 91 23.14 -23.34 1.06
N GLY A 92 24.39 -22.90 0.96
CA GLY A 92 25.08 -22.31 2.09
C GLY A 92 26.06 -21.20 1.74
N PRO A 93 26.91 -21.38 0.72
CA PRO A 93 27.88 -20.33 0.34
C PRO A 93 27.20 -19.00 0.08
N ALA A 94 27.34 -18.08 1.04
CA ALA A 94 26.73 -16.76 0.94
C ALA A 94 27.45 -15.87 -0.07
N PRO A 95 26.73 -14.88 -0.63
CA PRO A 95 27.27 -13.94 -1.61
C PRO A 95 28.42 -13.13 -1.02
N GLU A 96 29.34 -12.68 -1.89
CA GLU A 96 30.48 -11.90 -1.44
C GLU A 96 30.11 -10.43 -1.22
N GLY A 97 29.03 -9.99 -1.85
CA GLY A 97 28.60 -8.61 -1.71
C GLY A 97 27.12 -8.45 -2.00
N ASP A 98 26.62 -7.21 -1.99
CA ASP A 98 25.20 -6.98 -2.24
C ASP A 98 24.78 -7.25 -3.68
N ALA A 99 25.69 -7.04 -4.63
CA ALA A 99 25.39 -7.27 -6.03
C ALA A 99 25.11 -8.76 -6.22
N GLU A 100 25.92 -9.60 -5.58
CA GLU A 100 25.75 -11.04 -5.69
C GLU A 100 24.49 -11.49 -4.96
N LEU A 101 24.20 -10.81 -3.85
CA LEU A 101 23.01 -11.12 -3.07
C LEU A 101 21.77 -10.88 -3.94
N VAL A 102 21.77 -9.77 -4.68
CA VAL A 102 20.64 -9.44 -5.56
C VAL A 102 20.51 -10.55 -6.59
N LEU A 103 21.63 -10.92 -7.21
CA LEU A 103 21.63 -11.98 -8.20
C LEU A 103 21.05 -13.27 -7.65
N ARG A 104 21.44 -13.65 -6.43
CA ARG A 104 20.91 -14.87 -5.83
C ARG A 104 19.39 -14.75 -5.65
N LEU A 105 18.94 -13.58 -5.22
CA LEU A 105 17.51 -13.36 -5.01
C LEU A 105 16.76 -13.38 -6.34
N LEU A 106 17.37 -12.84 -7.39
CA LEU A 106 16.74 -12.83 -8.70
C LEU A 106 16.55 -14.25 -9.24
N GLU A 107 17.50 -15.12 -8.94
CA GLU A 107 17.38 -16.50 -9.41
C GLU A 107 16.20 -17.21 -8.76
N ARG A 108 15.82 -16.77 -7.57
CA ARG A 108 14.70 -17.39 -6.85
C ARG A 108 13.33 -16.72 -7.01
N TYR A 109 13.30 -15.38 -7.01
CA TYR A 109 12.05 -14.64 -7.11
C TYR A 109 11.91 -13.81 -8.39
N ASP A 110 12.93 -13.84 -9.23
CA ASP A 110 12.93 -13.01 -10.45
C ASP A 110 12.80 -11.57 -9.98
N LEU A 111 12.10 -10.74 -10.76
CA LEU A 111 11.98 -9.33 -10.40
C LEU A 111 11.35 -9.08 -9.03
N HIS A 112 10.59 -10.05 -8.54
CA HIS A 112 9.95 -9.90 -7.24
C HIS A 112 10.97 -9.87 -6.11
N ALA A 113 12.23 -10.09 -6.46
CA ALA A 113 13.28 -10.06 -5.47
C ALA A 113 13.31 -8.69 -4.80
N PHE A 114 13.07 -7.66 -5.61
CA PHE A 114 13.11 -6.29 -5.11
C PHE A 114 12.01 -5.89 -4.12
N ARG A 115 10.95 -6.70 -4.03
CA ARG A 115 9.87 -6.42 -3.09
C ARG A 115 10.35 -6.79 -1.69
N LEU A 116 11.43 -7.55 -1.62
CA LEU A 116 11.97 -8.01 -0.34
C LEU A 116 13.10 -7.18 0.24
N VAL A 117 13.72 -6.36 -0.60
CA VAL A 117 14.87 -5.57 -0.21
C VAL A 117 14.67 -4.24 0.53
N ASN A 118 15.28 -4.14 1.70
CA ASN A 118 15.26 -2.91 2.49
C ASN A 118 16.67 -2.33 2.40
N GLY A 119 16.86 -1.32 1.55
CA GLY A 119 18.20 -0.76 1.41
C GLY A 119 18.26 0.67 0.90
N ARG A 120 19.44 1.07 0.46
CA ARG A 120 19.70 2.40 -0.11
C ARG A 120 20.55 2.06 -1.32
N PHE A 121 19.89 1.78 -2.43
CA PHE A 121 20.59 1.34 -3.62
C PHE A 121 19.92 1.68 -4.94
N ALA A 122 20.66 1.43 -6.01
CA ALA A 122 20.19 1.59 -7.40
C ALA A 122 20.96 0.47 -8.08
N THR A 123 20.32 -0.25 -8.99
CA THR A 123 21.02 -1.34 -9.65
C THR A 123 20.54 -1.59 -11.06
N VAL A 124 21.45 -2.15 -11.87
CA VAL A 124 21.13 -2.46 -13.24
C VAL A 124 21.58 -3.89 -13.48
N VAL A 125 20.71 -4.67 -14.08
CA VAL A 125 21.03 -6.06 -14.33
C VAL A 125 20.76 -6.42 -15.77
N ARG A 126 21.68 -7.15 -16.36
CA ARG A 126 21.48 -7.62 -17.72
C ARG A 126 21.53 -9.14 -17.66
N THR A 127 20.48 -9.78 -18.16
CA THR A 127 20.43 -11.24 -18.21
C THR A 127 19.93 -11.56 -19.61
N GLY A 128 20.84 -12.04 -20.46
CA GLY A 128 20.47 -12.32 -21.83
C GLY A 128 20.21 -10.98 -22.48
N ASP A 129 19.09 -10.86 -23.20
CA ASP A 129 18.74 -9.60 -23.84
C ASP A 129 17.67 -8.88 -23.05
N ARG A 130 17.63 -9.17 -21.75
CA ARG A 130 16.67 -8.56 -20.83
C ARG A 130 17.45 -7.65 -19.87
N VAL A 131 16.90 -6.46 -19.60
CA VAL A 131 17.57 -5.54 -18.68
C VAL A 131 16.61 -5.10 -17.58
N LEU A 132 17.08 -5.13 -16.34
CA LEU A 132 16.26 -4.73 -15.21
C LEU A 132 16.86 -3.50 -14.54
N LEU A 133 16.02 -2.53 -14.23
CA LEU A 133 16.46 -1.30 -13.57
C LEU A 133 15.67 -1.21 -12.26
N ALA A 134 16.36 -1.19 -11.12
CA ALA A 134 15.63 -1.15 -9.86
C ALA A 134 16.14 -0.13 -8.86
N THR A 135 15.20 0.49 -8.14
CA THR A 135 15.49 1.48 -7.11
C THR A 135 15.06 0.93 -5.76
N ASP A 136 15.50 1.55 -4.66
CA ASP A 136 15.06 1.08 -3.35
C ASP A 136 13.63 1.58 -3.14
N HIS A 137 12.98 1.18 -2.05
CA HIS A 137 11.59 1.57 -1.80
C HIS A 137 11.29 3.05 -1.92
N ALA A 138 12.26 3.88 -1.54
CA ALA A 138 12.06 5.33 -1.60
C ALA A 138 12.85 5.99 -2.71
N GLY A 139 13.50 5.19 -3.54
CA GLY A 139 14.30 5.76 -4.60
C GLY A 139 15.31 6.74 -4.01
N SER A 140 15.82 6.43 -2.82
CA SER A 140 16.79 7.31 -2.16
C SER A 140 18.07 7.51 -2.96
N VAL A 141 18.36 6.58 -3.85
CA VAL A 141 19.53 6.69 -4.73
C VAL A 141 18.94 6.83 -6.13
N PRO A 142 18.92 8.06 -6.67
CA PRO A 142 18.37 8.28 -8.00
C PRO A 142 18.97 7.38 -9.09
N LEU A 143 18.14 7.02 -10.06
CA LEU A 143 18.55 6.19 -11.19
C LEU A 143 17.82 6.71 -12.42
N TYR A 144 18.56 6.96 -13.50
CA TYR A 144 18.00 7.48 -14.73
C TYR A 144 18.29 6.54 -15.89
N THR A 145 17.58 6.69 -17.00
CA THR A 145 17.80 5.81 -18.14
C THR A 145 17.37 6.40 -19.48
N CYS A 146 17.92 5.82 -20.54
CA CYS A 146 17.62 6.20 -21.92
C CYS A 146 17.33 4.87 -22.58
N VAL A 147 16.14 4.71 -23.15
CA VAL A 147 15.78 3.44 -23.77
C VAL A 147 15.40 3.56 -25.25
N ALA A 148 15.96 2.68 -26.06
CA ALA A 148 15.68 2.65 -27.49
C ALA A 148 15.90 1.23 -28.00
N PRO A 149 15.20 0.86 -29.08
CA PRO A 149 15.37 -0.49 -29.63
C PRO A 149 16.85 -0.90 -29.73
N GLY A 150 17.23 -1.98 -29.04
CA GLY A 150 18.59 -2.45 -29.07
C GLY A 150 19.60 -1.66 -28.27
N GLU A 151 19.13 -0.71 -27.46
CA GLU A 151 20.05 0.10 -26.68
C GLU A 151 19.46 0.61 -25.37
N VAL A 152 20.11 0.28 -24.28
CA VAL A 152 19.67 0.73 -22.96
C VAL A 152 20.85 1.30 -22.17
N ARG A 153 20.73 2.55 -21.75
CA ARG A 153 21.74 3.21 -20.95
C ARG A 153 21.11 3.60 -19.62
N ALA A 154 21.84 3.36 -18.53
CA ALA A 154 21.35 3.69 -17.20
C ALA A 154 22.47 4.35 -16.38
N SER A 155 22.09 5.26 -15.49
CA SER A 155 23.06 5.96 -14.68
C SER A 155 22.45 6.54 -13.42
N THR A 156 23.29 6.69 -12.40
CA THR A 156 22.87 7.26 -11.14
C THR A 156 22.85 8.79 -11.20
N GLU A 157 23.30 9.32 -12.33
CA GLU A 157 23.30 10.78 -12.54
C GLU A 157 22.80 11.08 -13.96
N ALA A 158 21.77 11.91 -14.05
CA ALA A 158 21.17 12.27 -15.32
C ALA A 158 22.16 13.01 -16.23
N LYS A 159 23.09 13.73 -15.61
CA LYS A 159 24.09 14.48 -16.37
C LYS A 159 24.97 13.57 -17.24
N ALA A 160 25.14 12.31 -16.81
CA ALA A 160 25.96 11.37 -17.56
C ALA A 160 25.23 10.85 -18.78
N LEU A 161 23.92 11.08 -18.84
CA LEU A 161 23.09 10.64 -19.95
C LEU A 161 22.72 11.81 -20.85
N ALA A 162 22.92 13.02 -20.34
CA ALA A 162 22.59 14.22 -21.11
C ALA A 162 23.65 14.48 -22.17
N ALA A 163 24.90 14.18 -21.82
CA ALA A 163 26.03 14.37 -22.73
C ALA A 163 25.85 13.58 -24.02
N HIS A 164 25.18 12.44 -23.92
CA HIS A 164 24.95 11.59 -25.08
C HIS A 164 23.99 12.27 -26.06
N PHE A 170 11.83 7.23 -28.26
CA PHE A 170 11.02 6.25 -27.55
C PHE A 170 10.73 6.67 -26.10
N PRO A 171 9.53 7.26 -25.87
CA PRO A 171 9.13 7.71 -24.53
C PRO A 171 8.76 6.52 -23.63
N LEU A 172 9.23 6.56 -22.39
CA LEU A 172 8.96 5.50 -21.43
C LEU A 172 7.74 5.82 -20.59
N ALA A 173 6.76 4.91 -20.62
CA ALA A 173 5.55 5.11 -19.85
C ALA A 173 5.78 4.67 -18.42
N ASP A 174 5.05 5.28 -17.50
CA ASP A 174 5.15 4.99 -16.07
C ASP A 174 6.38 5.60 -15.45
N ALA A 175 7.23 6.21 -16.27
CA ALA A 175 8.43 6.86 -15.75
C ALA A 175 8.29 8.35 -16.03
N ARG A 176 9.04 9.16 -15.30
CA ARG A 176 8.99 10.61 -15.43
C ARG A 176 10.18 11.18 -16.20
N ARG A 177 9.90 12.11 -17.11
CA ARG A 177 10.95 12.76 -17.88
C ARG A 177 11.70 13.72 -16.98
N VAL A 178 13.02 13.74 -17.10
CA VAL A 178 13.84 14.63 -16.31
C VAL A 178 13.64 16.05 -16.81
N ALA A 179 13.18 16.93 -15.91
CA ALA A 179 12.94 18.33 -16.24
C ALA A 179 14.25 18.99 -16.64
N GLY A 180 14.23 19.71 -17.75
CA GLY A 180 15.45 20.35 -18.20
C GLY A 180 16.20 19.49 -19.20
N LEU A 181 15.83 18.22 -19.30
CA LEU A 181 16.48 17.32 -20.23
C LEU A 181 15.48 16.72 -21.21
N THR A 182 15.98 16.04 -22.23
CA THR A 182 15.14 15.42 -23.24
C THR A 182 15.65 14.00 -23.55
N GLY A 183 14.74 13.03 -23.55
CA GLY A 183 15.12 11.65 -23.83
C GLY A 183 15.60 10.92 -22.60
N VAL A 184 15.71 11.62 -21.48
CA VAL A 184 16.17 10.99 -20.26
C VAL A 184 15.04 10.82 -19.25
N TYR A 185 14.89 9.60 -18.74
CA TYR A 185 13.85 9.30 -17.77
C TYR A 185 14.41 8.88 -16.42
N GLN A 186 13.66 9.17 -15.36
CA GLN A 186 14.07 8.78 -14.03
C GLN A 186 13.24 7.56 -13.65
N VAL A 187 13.91 6.52 -13.20
CA VAL A 187 13.22 5.31 -12.76
C VAL A 187 12.44 5.69 -11.51
N PRO A 188 11.16 5.28 -11.43
CA PRO A 188 10.35 5.61 -10.25
C PRO A 188 10.90 4.98 -8.98
N ALA A 189 10.59 5.61 -7.85
CA ALA A 189 11.01 5.09 -6.55
C ALA A 189 10.30 3.76 -6.34
N GLY A 190 10.89 2.89 -5.53
CA GLY A 190 10.29 1.59 -5.26
C GLY A 190 9.73 0.89 -6.47
N ALA A 191 10.57 0.70 -7.47
CA ALA A 191 10.09 0.04 -8.68
C ALA A 191 11.17 -0.72 -9.40
N VAL A 192 10.73 -1.52 -10.36
CA VAL A 192 11.65 -2.27 -11.19
C VAL A 192 11.13 -2.24 -12.62
N MET A 193 11.96 -1.75 -13.52
CA MET A 193 11.62 -1.68 -14.93
C MET A 193 12.25 -2.89 -15.62
N ASP A 194 11.38 -3.65 -16.27
CA ASP A 194 11.74 -4.86 -17.01
C ASP A 194 11.77 -4.47 -18.48
N ILE A 195 12.97 -4.34 -19.02
CA ILE A 195 13.15 -3.93 -20.41
C ILE A 195 13.63 -5.02 -21.36
N ASP A 196 12.97 -5.11 -22.51
CA ASP A 196 13.32 -6.05 -23.56
C ASP A 196 14.27 -5.26 -24.46
N LEU A 197 15.54 -5.63 -24.43
CA LEU A 197 16.56 -4.95 -25.21
C LEU A 197 16.25 -4.89 -26.71
N GLY A 198 15.78 -6.01 -27.25
CA GLY A 198 15.46 -6.05 -28.67
C GLY A 198 14.48 -5.01 -29.14
N SER A 199 13.28 -4.99 -28.57
CA SER A 199 12.26 -4.03 -28.97
C SER A 199 12.35 -2.68 -28.26
N GLY A 200 13.10 -2.63 -27.18
CA GLY A 200 13.21 -1.39 -26.44
C GLY A 200 11.94 -1.09 -25.67
N THR A 201 11.13 -2.11 -25.42
CA THR A 201 9.89 -1.91 -24.69
C THR A 201 10.11 -2.19 -23.21
N ALA A 202 9.44 -1.43 -22.35
CA ALA A 202 9.61 -1.60 -20.92
C ALA A 202 8.32 -1.74 -20.15
N VAL A 203 8.38 -2.50 -19.06
CA VAL A 203 7.24 -2.72 -18.19
C VAL A 203 7.73 -2.43 -16.78
N THR A 204 7.00 -1.56 -16.06
CA THR A 204 7.37 -1.19 -14.70
C THR A 204 6.48 -1.83 -13.65
N HIS A 205 7.09 -2.35 -12.60
CA HIS A 205 6.39 -2.99 -11.49
C HIS A 205 6.76 -2.25 -10.21
N ARG A 206 5.78 -1.79 -9.43
CA ARG A 206 6.11 -1.10 -8.19
C ARG A 206 6.36 -2.19 -7.14
N THR A 207 7.42 -2.03 -6.36
CA THR A 207 7.81 -3.03 -5.37
C THR A 207 7.53 -2.58 -3.93
N TRP A 208 6.94 -1.39 -3.81
CA TRP A 208 6.58 -0.81 -2.51
C TRP A 208 5.69 0.38 -2.75
N THR A 209 4.84 0.71 -1.78
CA THR A 209 3.98 1.88 -1.88
C THR A 209 3.62 2.29 -0.47
N PRO A 210 3.50 3.60 -0.21
CA PRO A 210 3.14 4.06 1.13
C PRO A 210 1.84 3.46 1.63
N GLY A 211 1.82 3.04 2.89
CA GLY A 211 0.60 2.49 3.45
C GLY A 211 -0.41 3.62 3.52
N LEU A 212 -1.68 3.31 3.28
CA LEU A 212 -2.76 4.30 3.30
C LEU A 212 -3.64 4.15 4.55
N SER A 213 -3.58 2.98 5.15
CA SER A 213 -4.36 2.71 6.35
C SER A 213 -3.56 3.17 7.56
N ARG A 214 -4.21 3.26 8.71
CA ARG A 214 -3.53 3.66 9.93
C ARG A 214 -3.73 2.58 10.98
N ARG A 215 -2.74 2.45 11.86
CA ARG A 215 -2.74 1.44 12.91
C ARG A 215 -2.99 2.03 14.30
N ILE A 216 -3.66 1.26 15.15
CA ILE A 216 -3.95 1.71 16.51
C ILE A 216 -3.11 0.92 17.52
N LEU A 217 -2.49 1.61 18.45
CA LEU A 217 -1.67 0.96 19.47
C LEU A 217 -1.65 1.76 20.77
N PRO A 218 -1.63 1.06 21.92
CA PRO A 218 -1.59 1.81 23.17
C PRO A 218 -0.25 2.54 23.22
N GLU A 219 -0.16 3.64 23.96
CA GLU A 219 1.07 4.43 24.05
C GLU A 219 2.31 3.59 24.31
N GLY A 220 2.25 2.73 25.31
CA GLY A 220 3.39 1.89 25.65
C GLY A 220 3.93 1.06 24.51
N GLU A 221 3.04 0.34 23.84
CA GLU A 221 3.45 -0.50 22.71
C GLU A 221 3.97 0.32 21.54
N ALA A 222 3.30 1.43 21.27
CA ALA A 222 3.69 2.30 20.16
C ALA A 222 5.06 2.93 20.36
N VAL A 223 5.34 3.37 21.60
CA VAL A 223 6.61 3.99 21.91
C VAL A 223 7.74 2.98 21.82
N ALA A 224 7.50 1.78 22.35
CA ALA A 224 8.50 0.72 22.31
C ALA A 224 8.77 0.24 20.89
N ALA A 225 7.73 0.23 20.06
CA ALA A 225 7.88 -0.22 18.67
C ALA A 225 8.74 0.75 17.87
N VAL A 226 8.53 2.05 18.08
CA VAL A 226 9.30 3.06 17.36
C VAL A 226 10.76 3.04 17.78
N ARG A 227 11.00 2.86 19.08
CA ARG A 227 12.35 2.82 19.61
C ARG A 227 13.12 1.63 19.02
N ALA A 228 12.48 0.47 19.04
CA ALA A 228 13.07 -0.77 18.53
C ALA A 228 13.36 -0.67 17.04
N ALA A 229 12.42 -0.10 16.30
CA ALA A 229 12.60 0.05 14.86
C ALA A 229 13.76 0.99 14.53
N LEU A 230 13.83 2.13 15.20
CA LEU A 230 14.91 3.07 14.94
C LEU A 230 16.26 2.47 15.32
N GLU A 231 16.35 1.82 16.48
CA GLU A 231 17.60 1.23 16.89
C GLU A 231 18.11 0.25 15.84
N LYS A 232 17.20 -0.57 15.31
CA LYS A 232 17.57 -1.57 14.30
C LYS A 232 18.02 -0.94 12.98
N ALA A 233 17.27 0.05 12.51
CA ALA A 233 17.62 0.71 11.26
C ALA A 233 18.96 1.42 11.39
N VAL A 234 19.25 1.94 12.58
CA VAL A 234 20.52 2.63 12.79
C VAL A 234 21.66 1.63 12.89
N ALA A 235 21.41 0.52 13.56
CA ALA A 235 22.41 -0.53 13.74
C ALA A 235 22.78 -1.10 12.39
N GLN A 236 21.80 -1.25 11.51
CA GLN A 236 22.04 -1.78 10.17
C GLN A 236 22.89 -0.82 9.35
N ARG A 237 22.89 0.45 9.75
CA ARG A 237 23.62 1.49 9.04
C ARG A 237 25.00 1.84 9.57
N VAL A 238 25.37 1.23 10.70
CA VAL A 238 26.67 1.49 11.29
C VAL A 238 27.58 0.28 11.16
N THR A 239 28.84 0.54 10.82
CA THR A 239 29.86 -0.51 10.65
C THR A 239 30.24 -1.03 12.04
N PRO A 240 30.36 -2.36 12.19
CA PRO A 240 30.72 -3.04 13.44
C PRO A 240 31.61 -2.30 14.45
N GLY A 241 32.88 -2.11 14.11
CA GLY A 241 33.78 -1.45 15.03
C GLY A 241 34.25 -0.06 14.65
N ASP A 242 33.57 0.59 13.72
CA ASP A 242 33.97 1.93 13.31
C ASP A 242 32.99 2.99 13.80
N THR A 243 33.53 4.13 14.24
CA THR A 243 32.71 5.23 14.76
C THR A 243 32.12 6.06 13.63
N PRO A 244 30.79 6.17 13.57
CA PRO A 244 30.13 6.95 12.52
C PRO A 244 30.01 8.43 12.88
N LEU A 245 29.65 9.24 11.89
CA LEU A 245 29.47 10.67 12.09
C LEU A 245 28.00 11.02 11.92
N VAL A 246 27.43 11.72 12.90
CA VAL A 246 26.04 12.13 12.82
C VAL A 246 25.95 13.65 12.76
N VAL A 247 25.21 14.15 11.77
CA VAL A 247 24.98 15.58 11.59
C VAL A 247 23.98 15.92 12.66
N LEU A 248 24.43 16.67 13.66
CA LEU A 248 23.58 17.02 14.78
C LEU A 248 22.94 18.39 14.68
N SER A 249 21.64 18.43 14.94
CA SER A 249 20.89 19.67 14.92
C SER A 249 20.32 19.87 16.33
N GLY A 250 19.42 20.84 16.47
CA GLY A 250 18.84 21.09 17.77
C GLY A 250 17.48 20.46 17.97
N GLY A 251 17.15 19.46 17.18
CA GLY A 251 15.85 18.82 17.30
C GLY A 251 15.88 17.37 17.73
N ILE A 252 14.69 16.80 17.92
CA ILE A 252 14.59 15.41 18.32
C ILE A 252 15.00 14.49 17.18
N ASP A 253 14.84 14.96 15.95
CA ASP A 253 15.20 14.14 14.78
C ASP A 253 16.62 13.62 14.83
N SER A 254 17.59 14.51 14.65
CA SER A 254 19.00 14.13 14.64
C SER A 254 19.48 13.60 15.99
N SER A 255 18.92 14.15 17.07
CA SER A 255 19.33 13.71 18.39
C SER A 255 18.88 12.27 18.62
N GLY A 256 17.74 11.91 18.04
CA GLY A 256 17.24 10.55 18.19
C GLY A 256 18.18 9.57 17.50
N VAL A 257 18.69 9.98 16.34
CA VAL A 257 19.61 9.15 15.58
C VAL A 257 20.94 9.03 16.31
N ALA A 258 21.43 10.15 16.84
CA ALA A 258 22.70 10.12 17.56
C ALA A 258 22.66 9.14 18.72
N ALA A 259 21.58 9.17 19.50
CA ALA A 259 21.48 8.25 20.64
C ALA A 259 21.56 6.80 20.20
N CYS A 260 20.91 6.47 19.08
CA CYS A 260 20.94 5.09 18.57
C CYS A 260 22.28 4.70 17.97
N ALA A 261 22.94 5.63 17.32
CA ALA A 261 24.23 5.33 16.71
C ALA A 261 25.29 5.15 17.77
N HIS A 262 25.20 5.96 18.84
CA HIS A 262 26.16 5.87 19.92
C HIS A 262 26.03 4.52 20.62
N ARG A 263 24.81 4.02 20.71
CA ARG A 263 24.58 2.73 21.35
C ARG A 263 25.12 1.59 20.49
N ALA A 264 24.82 1.64 19.19
CA ALA A 264 25.25 0.59 18.27
C ALA A 264 26.76 0.59 18.03
N ALA A 265 27.38 1.77 18.08
CA ALA A 265 28.82 1.88 17.85
C ALA A 265 29.63 1.98 19.14
N GLY A 266 29.01 2.44 20.23
CA GLY A 266 29.73 2.56 21.47
C GLY A 266 30.37 3.94 21.61
N GLU A 267 30.64 4.56 20.47
CA GLU A 267 31.23 5.89 20.40
C GLU A 267 30.56 6.65 19.27
N LEU A 268 30.76 7.97 19.19
CA LEU A 268 30.13 8.73 18.14
C LEU A 268 30.74 10.11 17.87
N ASP A 269 30.88 10.44 16.60
CA ASP A 269 31.40 11.75 16.19
C ASP A 269 30.18 12.53 15.74
N THR A 270 30.16 13.83 16.04
CA THR A 270 29.03 14.67 15.64
C THR A 270 29.57 15.97 15.07
N VAL A 271 28.73 16.63 14.28
CA VAL A 271 29.07 17.91 13.65
C VAL A 271 27.80 18.73 13.49
N SER A 272 27.91 20.04 13.70
CA SER A 272 26.76 20.95 13.56
C SER A 272 27.20 22.13 12.72
N MET A 273 26.33 22.57 11.82
CA MET A 273 26.65 23.68 10.95
C MET A 273 25.76 24.88 11.26
N GLY A 274 26.34 26.07 11.17
CA GLY A 274 25.58 27.29 11.43
C GLY A 274 25.98 28.37 10.46
N THR A 275 25.21 29.45 10.43
CA THR A 275 25.51 30.57 9.54
C THR A 275 25.68 31.83 10.40
N ASP A 276 25.98 32.96 9.76
CA ASP A 276 26.12 34.20 10.51
C ASP A 276 24.74 34.72 10.88
N THR A 277 23.71 34.00 10.43
CA THR A 277 22.33 34.36 10.70
C THR A 277 21.73 33.53 11.84
N SER A 278 22.16 32.26 11.96
CA SER A 278 21.64 31.39 13.01
C SER A 278 22.39 30.07 13.09
N ASN A 279 22.17 29.35 14.18
CA ASN A 279 22.78 28.05 14.38
C ASN A 279 22.03 27.34 15.50
N GLU A 280 22.35 26.07 15.71
CA GLU A 280 21.69 25.29 16.76
C GLU A 280 22.75 24.67 17.65
N PHE A 281 23.88 25.36 17.82
CA PHE A 281 24.97 24.84 18.62
C PHE A 281 24.64 24.57 20.09
N ARG A 282 23.97 25.51 20.74
CA ARG A 282 23.61 25.33 22.14
C ARG A 282 22.75 24.08 22.33
N GLU A 283 21.72 23.93 21.48
CA GLU A 283 20.83 22.77 21.55
C GLU A 283 21.63 21.48 21.34
N ALA A 284 22.49 21.49 20.33
CA ALA A 284 23.30 20.32 20.02
C ALA A 284 24.29 20.00 21.14
N ARG A 285 24.81 21.03 21.80
CA ARG A 285 25.77 20.83 22.89
C ARG A 285 25.18 19.98 24.01
N ALA A 286 23.90 20.14 24.28
CA ALA A 286 23.24 19.36 25.32
C ALA A 286 23.37 17.86 25.02
N VAL A 287 23.23 17.50 23.75
CA VAL A 287 23.34 16.10 23.34
C VAL A 287 24.81 15.69 23.31
N VAL A 288 25.65 16.59 22.81
CA VAL A 288 27.09 16.33 22.74
C VAL A 288 27.65 15.91 24.11
N ASP A 289 27.24 16.62 25.15
CA ASP A 289 27.70 16.33 26.51
C ASP A 289 26.96 15.16 27.16
N HIS A 290 25.70 14.98 26.82
CA HIS A 290 24.91 13.88 27.38
C HIS A 290 25.46 12.54 26.93
N LEU A 291 25.90 12.48 25.67
CA LEU A 291 26.44 11.25 25.10
C LEU A 291 27.97 11.29 25.09
N ARG A 292 28.52 12.48 25.33
CA ARG A 292 29.96 12.66 25.32
C ARG A 292 30.54 12.21 23.99
N THR A 293 30.19 12.94 22.94
CA THR A 293 30.68 12.64 21.59
C THR A 293 31.80 13.60 21.22
N ARG A 294 32.50 13.30 20.12
CA ARG A 294 33.57 14.17 19.64
C ARG A 294 32.85 15.12 18.67
N HIS A 295 32.59 16.34 19.15
CA HIS A 295 31.87 17.34 18.39
C HIS A 295 32.72 18.42 17.71
N ARG A 296 32.18 18.96 16.62
CA ARG A 296 32.82 20.02 15.84
C ARG A 296 31.73 20.99 15.39
N GLU A 297 32.03 22.29 15.38
CA GLU A 297 31.06 23.29 14.96
C GLU A 297 31.60 24.00 13.72
N ILE A 298 30.76 24.14 12.71
CA ILE A 298 31.17 24.79 11.48
C ILE A 298 30.20 25.91 11.14
N THR A 299 30.72 27.13 11.02
CA THR A 299 29.88 28.27 10.68
C THR A 299 30.28 28.75 9.29
N ILE A 300 29.29 28.83 8.41
CA ILE A 300 29.54 29.27 7.03
C ILE A 300 28.77 30.56 6.74
N PRO A 301 29.49 31.59 6.26
CA PRO A 301 28.87 32.88 5.93
C PRO A 301 27.71 32.72 4.95
N THR A 302 26.74 33.63 5.03
CA THR A 302 25.59 33.58 4.15
C THR A 302 26.04 33.67 2.69
N THR A 303 27.07 34.46 2.45
CA THR A 303 27.61 34.65 1.11
C THR A 303 28.14 33.33 0.54
N GLU A 304 28.92 32.60 1.34
CA GLU A 304 29.48 31.32 0.92
C GLU A 304 28.40 30.27 0.77
N LEU A 305 27.32 30.48 1.52
CA LEU A 305 26.18 29.57 1.50
C LEU A 305 25.48 29.67 0.15
N LEU A 306 25.30 30.90 -0.34
CA LEU A 306 24.64 31.12 -1.62
C LEU A 306 25.55 30.73 -2.78
N ALA A 307 26.84 30.58 -2.50
CA ALA A 307 27.78 30.19 -3.54
C ALA A 307 27.65 28.68 -3.77
N GLN A 308 26.80 28.04 -2.99
CA GLN A 308 26.58 26.60 -3.11
C GLN A 308 25.49 26.30 -4.15
N LEU A 309 24.76 27.34 -4.55
CA LEU A 309 23.68 27.18 -5.53
C LEU A 309 24.03 26.30 -6.72
N PRO A 310 25.14 26.60 -7.41
CA PRO A 310 25.50 25.77 -8.56
C PRO A 310 25.80 24.31 -8.18
N TYR A 311 26.43 24.09 -7.04
CA TYR A 311 26.76 22.73 -6.59
C TYR A 311 25.52 21.94 -6.17
N ALA A 312 24.58 22.63 -5.53
CA ALA A 312 23.35 21.99 -5.07
C ALA A 312 22.53 21.47 -6.24
N VAL A 313 22.40 22.28 -7.29
CA VAL A 313 21.62 21.85 -8.44
C VAL A 313 22.38 20.79 -9.21
N TRP A 314 23.70 20.93 -9.23
CA TRP A 314 24.56 19.98 -9.93
C TRP A 314 24.48 18.59 -9.30
N ALA A 315 24.49 18.56 -7.97
CA ALA A 315 24.43 17.30 -7.22
C ALA A 315 23.04 16.68 -7.10
N SER A 316 22.03 17.52 -6.90
CA SER A 316 20.65 17.03 -6.77
C SER A 316 20.00 16.82 -8.13
N GLU A 317 20.48 17.57 -9.13
CA GLU A 317 19.94 17.51 -10.48
C GLU A 317 18.46 17.87 -10.47
N SER A 318 18.13 18.82 -9.61
CA SER A 318 16.76 19.30 -9.45
C SER A 318 16.65 20.74 -9.93
N VAL A 319 15.48 21.11 -10.42
CA VAL A 319 15.22 22.47 -10.89
C VAL A 319 14.23 23.15 -9.96
N ASP A 320 13.84 22.45 -8.89
CA ASP A 320 12.91 23.00 -7.92
C ASP A 320 13.66 23.91 -6.93
N PRO A 321 13.38 25.23 -6.97
CA PRO A 321 14.03 26.20 -6.09
C PRO A 321 13.87 25.88 -4.60
N ASP A 322 12.69 25.40 -4.22
CA ASP A 322 12.43 25.07 -2.82
C ASP A 322 13.37 23.96 -2.35
N ILE A 323 13.59 22.96 -3.21
CA ILE A 323 14.47 21.85 -2.86
C ILE A 323 15.90 22.35 -2.77
N ILE A 324 16.34 23.08 -3.79
CA ILE A 324 17.69 23.61 -3.83
C ILE A 324 17.98 24.44 -2.59
N GLU A 325 17.03 25.30 -2.21
CA GLU A 325 17.17 26.17 -1.05
C GLU A 325 17.34 25.36 0.24
N TYR A 326 16.63 24.24 0.32
CA TYR A 326 16.71 23.38 1.48
C TYR A 326 18.07 22.67 1.54
N LEU A 327 18.57 22.26 0.38
CA LEU A 327 19.83 21.54 0.29
C LEU A 327 21.11 22.39 0.39
N LEU A 328 20.99 23.70 0.22
CA LEU A 328 22.16 24.59 0.30
C LEU A 328 23.01 24.41 1.55
N PRO A 329 22.40 24.45 2.73
CA PRO A 329 23.19 24.28 3.96
C PRO A 329 23.84 22.90 4.08
N LEU A 330 23.16 21.88 3.57
CA LEU A 330 23.66 20.51 3.62
C LEU A 330 24.87 20.32 2.72
N THR A 331 24.79 20.81 1.49
CA THR A 331 25.89 20.68 0.56
C THR A 331 27.10 21.46 1.08
N ALA A 332 26.84 22.59 1.73
CA ALA A 332 27.93 23.39 2.28
C ALA A 332 28.65 22.62 3.38
N LEU A 333 27.87 22.05 4.30
CA LEU A 333 28.44 21.28 5.41
C LEU A 333 29.30 20.12 4.95
N TYR A 334 28.76 19.31 4.03
CA TYR A 334 29.50 18.16 3.54
C TYR A 334 30.83 18.59 2.91
N ARG A 335 30.80 19.67 2.14
CA ARG A 335 32.02 20.15 1.51
C ARG A 335 32.98 20.78 2.52
N ALA A 336 32.46 21.24 3.64
CA ALA A 336 33.30 21.87 4.65
C ALA A 336 33.95 20.85 5.58
N LEU A 337 33.44 19.63 5.57
CA LEU A 337 33.98 18.58 6.42
C LEU A 337 35.47 18.37 6.18
N ASP A 338 36.23 18.28 7.26
CA ASP A 338 37.67 18.07 7.15
C ASP A 338 38.00 16.66 7.62
N GLY A 339 39.06 16.09 7.05
CA GLY A 339 39.44 14.76 7.44
C GLY A 339 39.17 13.76 6.34
N PRO A 340 39.19 12.46 6.66
CA PRO A 340 38.95 11.43 5.66
C PRO A 340 37.47 11.26 5.33
N GLU A 341 37.20 10.48 4.29
CA GLU A 341 35.85 10.18 3.85
C GLU A 341 35.14 9.57 5.05
N ARG A 342 33.84 9.82 5.18
CA ARG A 342 33.11 9.28 6.32
C ARG A 342 31.74 8.71 6.01
N ARG A 343 31.26 7.85 6.90
CA ARG A 343 29.93 7.26 6.79
C ARG A 343 29.13 8.17 7.72
N ILE A 344 28.16 8.88 7.18
CA ILE A 344 27.34 9.84 7.93
C ILE A 344 25.87 9.47 8.03
N LEU A 345 25.31 9.56 9.23
CA LEU A 345 23.89 9.27 9.43
C LEU A 345 23.21 10.61 9.73
N THR A 346 21.99 10.82 9.22
CA THR A 346 21.29 12.07 9.45
C THR A 346 19.89 11.83 10.00
N GLY A 347 19.28 12.89 10.54
CA GLY A 347 17.93 12.77 11.07
C GLY A 347 16.88 13.27 10.09
N TYR A 348 17.24 13.31 8.81
CA TYR A 348 16.32 13.81 7.77
C TYR A 348 15.02 13.00 7.55
N GLY A 349 13.98 13.72 7.13
CA GLY A 349 12.71 13.09 6.82
C GLY A 349 11.75 12.65 7.93
N ALA A 350 12.11 12.82 9.18
CA ALA A 350 11.24 12.41 10.28
C ALA A 350 9.92 13.19 10.28
N ASP A 351 9.96 14.45 9.84
CA ASP A 351 8.77 15.29 9.81
C ASP A 351 7.69 14.79 8.85
N ILE A 352 8.09 14.19 7.73
CA ILE A 352 7.12 13.74 6.74
C ILE A 352 6.14 12.68 7.26
N PRO A 353 6.65 11.54 7.74
CA PRO A 353 5.72 10.53 8.24
C PRO A 353 5.10 10.89 9.59
N LEU A 354 5.77 11.73 10.37
CA LEU A 354 5.26 12.13 11.68
C LEU A 354 4.48 13.44 11.66
N GLY A 355 4.38 14.06 10.50
CA GLY A 355 3.66 15.33 10.40
C GLY A 355 4.28 16.38 11.31
N GLY A 356 5.61 16.43 11.34
CA GLY A 356 6.31 17.39 12.18
C GLY A 356 6.02 18.86 11.93
N MET A 357 5.65 19.20 10.70
CA MET A 357 5.35 20.58 10.34
C MET A 357 3.90 20.96 10.68
N HIS A 358 3.20 20.05 11.35
CA HIS A 358 1.80 20.30 11.75
C HIS A 358 1.79 21.05 13.08
N ARG A 359 1.11 22.19 13.10
CA ARG A 359 1.07 23.02 14.31
C ARG A 359 -0.19 22.93 15.18
N GLU A 360 -1.37 22.90 14.58
CA GLU A 360 -2.61 22.81 15.35
C GLU A 360 -2.82 21.45 16.02
N ASP A 361 -3.79 21.37 16.93
CA ASP A 361 -4.09 20.13 17.63
C ASP A 361 -5.13 19.28 16.90
N ARG A 362 -5.74 19.86 15.87
CA ARG A 362 -6.74 19.15 15.08
C ARG A 362 -6.01 18.16 14.19
N LEU A 363 -6.30 16.88 14.39
CA LEU A 363 -5.67 15.80 13.65
C LEU A 363 -5.94 15.67 12.15
N PRO A 364 -7.14 16.05 11.68
CA PRO A 364 -7.42 15.91 10.24
C PRO A 364 -6.36 16.47 9.30
N ALA A 365 -6.00 17.73 9.48
CA ALA A 365 -4.98 18.35 8.63
C ALA A 365 -3.66 17.58 8.66
N LEU A 366 -3.33 16.95 9.79
CA LEU A 366 -2.08 16.21 9.89
C LEU A 366 -2.05 15.06 8.87
N ASP A 367 -3.10 14.26 8.85
CA ASP A 367 -3.18 13.14 7.91
C ASP A 367 -3.31 13.60 6.46
N THR A 368 -3.98 14.72 6.25
CA THR A 368 -4.13 15.21 4.89
C THR A 368 -2.78 15.55 4.31
N VAL A 369 -1.97 16.27 5.08
CA VAL A 369 -0.64 16.64 4.60
C VAL A 369 0.28 15.43 4.50
N LEU A 370 0.16 14.50 5.45
CA LEU A 370 0.97 13.28 5.46
C LEU A 370 0.73 12.46 4.19
N ALA A 371 -0.54 12.17 3.92
CA ALA A 371 -0.88 11.38 2.73
C ALA A 371 -0.39 12.05 1.45
N HIS A 372 -0.51 13.38 1.41
CA HIS A 372 -0.08 14.14 0.24
C HIS A 372 1.44 14.06 0.10
N ASP A 373 2.15 14.29 1.19
CA ASP A 373 3.61 14.22 1.14
C ASP A 373 4.09 12.85 0.71
N MET A 374 3.49 11.79 1.25
CA MET A 374 3.92 10.44 0.90
C MET A 374 3.64 10.07 -0.54
N ALA A 375 2.71 10.76 -1.19
CA ALA A 375 2.40 10.43 -2.58
C ALA A 375 3.14 11.37 -3.55
N THR A 376 3.97 12.26 -3.02
CA THR A 376 4.67 13.20 -3.90
C THR A 376 6.15 13.42 -3.63
N PHE A 377 6.76 12.55 -2.81
CA PHE A 377 8.18 12.67 -2.49
C PHE A 377 9.08 12.27 -3.64
N ASP A 378 8.62 11.33 -4.45
CA ASP A 378 9.39 10.81 -5.58
C ASP A 378 9.75 11.87 -6.62
N GLY A 379 11.05 12.01 -6.86
CA GLY A 379 11.51 12.99 -7.83
C GLY A 379 12.18 14.20 -7.21
N LEU A 380 11.98 14.40 -5.91
CA LEU A 380 12.59 15.54 -5.24
C LEU A 380 14.08 15.32 -5.03
N ASN A 381 14.47 14.06 -4.90
CA ASN A 381 15.86 13.64 -4.69
C ASN A 381 16.50 14.26 -3.45
N GLU A 382 15.70 14.54 -2.44
CA GLU A 382 16.20 15.14 -1.20
C GLU A 382 17.22 14.29 -0.45
N MET A 383 17.14 12.97 -0.62
CA MET A 383 18.06 12.06 0.07
C MET A 383 19.18 11.52 -0.78
N SER A 384 19.35 12.07 -1.99
CA SER A 384 20.39 11.58 -2.88
C SER A 384 21.77 11.51 -2.21
N PRO A 385 22.49 10.41 -2.42
CA PRO A 385 23.82 10.29 -1.82
C PRO A 385 24.81 11.29 -2.42
N VAL A 386 24.53 11.73 -3.65
CA VAL A 386 25.39 12.66 -4.35
C VAL A 386 25.58 13.98 -3.60
N LEU A 387 24.59 14.34 -2.79
CA LEU A 387 24.66 15.56 -1.98
C LEU A 387 25.87 15.53 -1.07
N SER A 388 26.29 14.32 -0.66
CA SER A 388 27.47 14.21 0.20
C SER A 388 28.65 13.54 -0.49
N THR A 389 28.38 12.67 -1.46
CA THR A 389 29.48 12.00 -2.16
C THR A 389 30.23 12.93 -3.07
N LEU A 390 29.68 14.12 -3.32
CA LEU A 390 30.40 15.07 -4.16
C LEU A 390 31.66 15.48 -3.39
N ALA A 391 31.63 15.24 -2.08
CA ALA A 391 32.78 15.55 -1.20
C ALA A 391 33.40 14.26 -0.67
N GLY A 392 33.00 13.13 -1.26
CA GLY A 392 33.53 11.84 -0.86
C GLY A 392 32.90 11.20 0.37
N HIS A 393 31.86 11.83 0.92
CA HIS A 393 31.20 11.26 2.10
C HIS A 393 29.94 10.50 1.76
N TRP A 394 29.66 9.43 2.50
CA TRP A 394 28.48 8.63 2.27
C TRP A 394 27.44 8.91 3.34
N THR A 395 26.21 9.20 2.90
CA THR A 395 25.12 9.48 3.83
C THR A 395 23.99 8.48 3.73
N THR A 396 23.35 8.22 4.86
CA THR A 396 22.22 7.32 4.92
C THR A 396 21.26 7.92 5.95
N HIS A 397 19.96 7.68 5.76
CA HIS A 397 18.94 8.28 6.63
C HIS A 397 17.98 7.29 7.26
N PRO A 398 18.19 6.99 8.55
CA PRO A 398 17.36 6.05 9.33
C PRO A 398 15.84 6.24 9.32
N TYR A 399 15.36 7.49 9.32
CA TYR A 399 13.91 7.67 9.36
C TYR A 399 13.22 7.17 8.09
N TRP A 400 13.94 7.11 6.98
CA TRP A 400 13.34 6.62 5.76
C TRP A 400 13.71 5.17 5.41
N ASP A 401 14.16 4.45 6.44
CA ASP A 401 14.46 3.03 6.35
C ASP A 401 13.07 2.45 6.04
N ARG A 402 12.99 1.41 5.21
CA ARG A 402 11.67 0.86 4.86
C ARG A 402 10.83 0.44 6.07
N GLU A 403 11.44 -0.22 7.04
CA GLU A 403 10.69 -0.68 8.21
C GLU A 403 10.28 0.48 9.12
N VAL A 404 11.19 1.42 9.35
CA VAL A 404 10.91 2.57 10.18
C VAL A 404 9.84 3.44 9.51
N LEU A 405 10.02 3.64 8.21
CA LEU A 405 9.08 4.45 7.44
C LEU A 405 7.67 3.86 7.48
N ASP A 406 7.54 2.57 7.18
CA ASP A 406 6.22 1.93 7.22
C ASP A 406 5.55 2.10 8.58
N LEU A 407 6.32 1.91 9.65
CA LEU A 407 5.78 2.04 11.00
C LEU A 407 5.33 3.46 11.32
N LEU A 408 6.20 4.44 11.08
CA LEU A 408 5.85 5.83 11.37
C LEU A 408 4.64 6.29 10.57
N VAL A 409 4.60 5.95 9.29
CA VAL A 409 3.47 6.32 8.44
C VAL A 409 2.16 5.71 8.94
N SER A 410 2.21 4.44 9.33
CA SER A 410 1.00 3.73 9.77
C SER A 410 0.37 4.21 11.06
N LEU A 411 1.15 4.82 11.95
CA LEU A 411 0.59 5.25 13.23
C LEU A 411 -0.54 6.26 13.08
N GLU A 412 -1.60 6.07 13.87
CA GLU A 412 -2.74 6.98 13.83
C GLU A 412 -2.29 8.33 14.35
N ALA A 413 -2.77 9.38 13.70
CA ALA A 413 -2.42 10.77 14.02
C ALA A 413 -2.34 11.15 15.50
N GLY A 414 -3.14 10.50 16.33
CA GLY A 414 -3.14 10.80 17.76
C GLY A 414 -1.86 10.40 18.46
N LEU A 415 -1.04 9.60 17.79
CA LEU A 415 0.24 9.19 18.38
C LEU A 415 1.34 10.14 17.91
N LYS A 416 1.03 10.94 16.92
CA LYS A 416 2.00 11.90 16.36
C LYS A 416 1.82 13.28 17.00
N ARG A 417 0.56 13.64 17.24
CA ARG A 417 0.23 14.91 17.88
C ARG A 417 -0.49 14.53 19.18
N ARG A 418 0.27 14.36 20.25
CA ARG A 418 -0.32 13.95 21.52
C ARG A 418 0.24 14.81 22.66
N HIS A 419 -0.57 14.99 23.70
CA HIS A 419 -0.17 15.77 24.86
C HIS A 419 0.32 17.16 24.48
N GLY A 420 -0.21 17.69 23.39
CA GLY A 420 0.19 19.01 22.93
C GLY A 420 1.60 19.09 22.39
N ARG A 421 2.14 17.97 21.92
CA ARG A 421 3.49 17.95 21.37
C ARG A 421 3.53 17.26 20.01
N ASP A 422 4.36 17.79 19.11
CA ASP A 422 4.49 17.21 17.77
C ASP A 422 5.47 16.04 17.82
N LYS A 423 5.32 15.11 16.87
CA LYS A 423 6.21 13.94 16.82
C LYS A 423 6.31 13.27 18.19
N TRP A 424 5.19 13.26 18.91
CA TRP A 424 5.14 12.68 20.25
C TRP A 424 5.73 11.29 20.41
N VAL A 425 5.26 10.34 19.60
CA VAL A 425 5.77 8.98 19.73
C VAL A 425 7.30 8.89 19.66
N LEU A 426 7.92 9.73 18.83
CA LEU A 426 9.38 9.73 18.69
C LEU A 426 10.07 10.31 19.93
N ARG A 427 9.52 11.40 20.46
CA ARG A 427 10.08 12.03 21.64
C ARG A 427 10.00 11.03 22.79
N ALA A 428 8.84 10.42 22.98
CA ALA A 428 8.66 9.45 24.04
C ALA A 428 9.56 8.23 23.84
N ALA A 429 9.78 7.85 22.58
CA ALA A 429 10.63 6.69 22.29
C ALA A 429 12.10 6.90 22.67
N MET A 430 12.55 8.16 22.66
CA MET A 430 13.94 8.46 23.00
C MET A 430 14.09 9.16 24.36
N ALA A 431 13.00 9.25 25.11
CA ALA A 431 13.02 9.91 26.42
C ALA A 431 14.13 9.41 27.36
N ASP A 432 14.26 8.10 27.51
CA ASP A 432 15.26 7.53 28.41
C ASP A 432 16.69 7.48 27.87
N ALA A 433 16.94 8.18 26.76
CA ALA A 433 18.27 8.19 26.16
C ALA A 433 18.78 9.58 25.82
N LEU A 434 18.00 10.61 26.15
CA LEU A 434 18.39 11.98 25.85
C LEU A 434 17.94 12.92 26.96
N PRO A 435 18.59 14.10 27.07
CA PRO A 435 18.19 15.05 28.12
C PRO A 435 16.76 15.55 27.90
N ALA A 436 16.09 15.86 29.01
CA ALA A 436 14.71 16.35 28.97
C ALA A 436 14.52 17.51 28.01
N GLU A 437 15.44 18.47 28.05
CA GLU A 437 15.36 19.64 27.18
C GLU A 437 15.36 19.26 25.70
N THR A 438 16.15 18.25 25.33
CA THR A 438 16.22 17.82 23.95
C THR A 438 14.94 17.12 23.50
N VAL A 439 14.36 16.33 24.40
CA VAL A 439 13.14 15.59 24.10
C VAL A 439 11.89 16.47 23.93
N ASN A 440 11.74 17.46 24.81
CA ASN A 440 10.58 18.35 24.76
C ASN A 440 10.79 19.60 23.93
N ARG A 441 12.01 19.80 23.44
CA ARG A 441 12.34 20.98 22.65
C ARG A 441 11.51 21.01 21.37
N PRO A 442 10.62 22.00 21.23
CA PRO A 442 9.77 22.14 20.05
C PRO A 442 10.53 22.74 18.87
N LYS A 443 9.84 22.86 17.74
CA LYS A 443 10.44 23.40 16.53
C LYS A 443 9.37 23.73 15.49
N SER A 454 15.21 35.74 3.56
CA SER A 454 15.68 34.33 3.36
C SER A 454 16.93 34.58 2.52
N SER A 455 18.05 33.82 2.69
CA SER A 455 19.23 34.63 2.15
C SER A 455 19.02 34.88 0.67
N PHE A 456 18.53 33.84 0.06
CA PHE A 456 18.52 33.61 -1.42
C PHE A 456 17.49 34.56 -1.99
N SER A 457 16.40 34.65 -1.24
CA SER A 457 15.31 35.56 -1.63
C SER A 457 15.79 37.00 -1.48
N ARG A 458 16.64 37.24 -0.49
CA ARG A 458 17.16 38.58 -0.24
C ARG A 458 18.22 38.95 -1.27
N LEU A 459 18.93 37.94 -1.78
CA LEU A 459 19.95 38.18 -2.79
C LEU A 459 19.29 38.82 -4.00
N LEU A 460 18.24 38.18 -4.50
CA LEU A 460 17.50 38.69 -5.65
C LEU A 460 16.74 39.96 -5.24
N LEU A 461 16.35 40.02 -3.97
CA LEU A 461 15.63 41.17 -3.45
C LEU A 461 16.49 42.41 -3.65
N ASP A 462 17.80 42.21 -3.68
CA ASP A 462 18.73 43.31 -3.87
C ASP A 462 19.04 43.51 -5.36
N HIS A 463 18.14 43.03 -6.21
CA HIS A 463 18.33 43.15 -7.66
C HIS A 463 17.01 43.42 -8.39
N GLY A 464 16.00 42.61 -8.11
CA GLY A 464 14.72 42.77 -8.77
C GLY A 464 13.55 43.05 -7.85
N VAL A 465 12.36 43.09 -8.43
CA VAL A 465 11.13 43.36 -7.70
C VAL A 465 10.73 42.19 -6.79
N ALA A 466 10.10 42.51 -5.67
CA ALA A 466 9.67 41.49 -4.72
C ALA A 466 8.69 40.54 -5.41
N GLU A 467 7.79 41.11 -6.21
CA GLU A 467 6.81 40.33 -6.94
C GLU A 467 6.00 39.43 -5.99
N ALA A 473 10.17 32.80 -9.91
CA ALA A 473 11.23 33.80 -10.05
C ALA A 473 12.60 33.15 -9.98
N LYS A 474 12.88 32.51 -8.85
CA LYS A 474 14.15 31.84 -8.64
C LYS A 474 14.32 30.65 -9.57
N ARG A 475 13.19 30.14 -10.07
CA ARG A 475 13.19 29.00 -10.98
C ARG A 475 14.17 29.24 -12.13
N GLN A 476 14.03 30.37 -12.80
CA GLN A 476 14.88 30.72 -13.92
C GLN A 476 16.35 30.71 -13.52
N VAL A 477 16.63 31.13 -12.29
CA VAL A 477 17.99 31.16 -11.77
C VAL A 477 18.51 29.73 -11.65
N VAL A 478 17.73 28.88 -10.98
CA VAL A 478 18.11 27.49 -10.79
C VAL A 478 18.16 26.74 -12.12
N ARG A 479 17.15 26.97 -12.97
CA ARG A 479 17.08 26.32 -14.26
C ARG A 479 18.29 26.69 -15.10
N GLU A 480 18.76 27.91 -14.94
CA GLU A 480 19.93 28.37 -15.68
C GLU A 480 21.14 27.56 -15.25
N LEU A 481 21.31 27.42 -13.94
CA LEU A 481 22.41 26.66 -13.37
C LEU A 481 22.33 25.21 -13.82
N PHE A 482 21.12 24.68 -13.81
CA PHE A 482 20.88 23.30 -14.21
C PHE A 482 21.28 23.10 -15.67
N ASP A 483 20.90 24.03 -16.53
CA ASP A 483 21.23 23.95 -17.95
C ASP A 483 22.74 24.04 -18.14
N LEU A 484 23.43 24.71 -17.23
CA LEU A 484 24.89 24.82 -17.35
C LEU A 484 25.60 23.59 -16.79
N THR A 485 25.24 23.19 -15.58
CA THR A 485 25.87 22.06 -14.90
C THR A 485 25.33 20.66 -15.22
N VAL A 486 24.02 20.54 -15.36
CA VAL A 486 23.42 19.25 -15.66
C VAL A 486 23.15 19.06 -17.15
N GLY A 487 22.36 19.96 -17.72
CA GLY A 487 22.05 19.88 -19.14
C GLY A 487 23.27 20.13 -20.00
N GLY A 488 24.05 21.15 -19.64
CA GLY A 488 25.25 21.47 -20.40
C GLY A 488 26.39 20.52 -20.14
N GLY A 489 27.23 20.88 -19.18
CA GLY A 489 28.37 20.05 -18.84
C GLY A 489 29.48 20.86 -18.21
N ARG A 490 29.10 21.95 -17.54
CA ARG A 490 30.09 22.81 -16.90
C ARG A 490 30.13 22.58 -15.39
N HIS A 491 31.34 22.51 -14.84
CA HIS A 491 31.52 22.29 -13.42
C HIS A 491 31.05 23.54 -12.66
N PRO A 492 30.39 23.36 -11.51
CA PRO A 492 29.88 24.49 -10.71
C PRO A 492 30.93 25.57 -10.44
N SER A 493 32.19 25.15 -10.26
CA SER A 493 33.27 26.09 -9.99
C SER A 493 33.49 27.06 -11.15
N GLU A 494 32.96 26.71 -12.31
CA GLU A 494 33.11 27.54 -13.50
C GLU A 494 31.86 28.38 -13.73
N VAL A 495 30.90 28.26 -12.82
CA VAL A 495 29.65 29.00 -12.92
C VAL A 495 29.61 30.14 -11.90
N ASP A 496 29.57 31.38 -12.39
CA ASP A 496 29.52 32.54 -11.50
C ASP A 496 28.09 32.76 -11.03
N THR A 497 27.83 32.39 -9.78
CA THR A 497 26.50 32.54 -9.21
C THR A 497 25.97 33.97 -9.34
N ASP A 498 26.87 34.95 -9.28
CA ASP A 498 26.48 36.36 -9.40
C ASP A 498 26.02 36.70 -10.80
N ASP A 499 26.86 36.45 -11.79
CA ASP A 499 26.53 36.74 -13.18
C ASP A 499 25.24 36.05 -13.62
N VAL A 500 24.95 34.90 -13.03
CA VAL A 500 23.72 34.17 -13.38
C VAL A 500 22.52 34.97 -12.93
N VAL A 501 22.54 35.39 -11.67
CA VAL A 501 21.44 36.18 -11.12
C VAL A 501 21.37 37.52 -11.85
N ARG A 502 22.52 37.97 -12.36
CA ARG A 502 22.62 39.22 -13.09
C ARG A 502 21.72 39.14 -14.32
N SER A 503 21.96 38.14 -15.16
CA SER A 503 21.19 37.94 -16.37
C SER A 503 19.71 37.81 -16.06
N VAL A 504 19.40 37.37 -14.83
CA VAL A 504 18.01 37.21 -14.40
C VAL A 504 17.58 38.47 -13.65
N ALA A 505 17.64 39.61 -14.33
CA ALA A 505 17.25 40.88 -13.74
C ALA A 505 15.75 41.12 -13.90
N ASP A 506 15.32 41.30 -15.15
CA ASP A 506 13.91 41.53 -15.46
C ASP A 506 13.23 40.25 -15.91
N GLY B 2 -29.16 -11.98 24.01
CA GLY B 2 -27.87 -11.23 24.19
C GLY B 2 -27.68 -10.13 23.16
N ALA B 3 -26.43 -9.91 22.76
CA ALA B 3 -26.10 -8.88 21.78
C ALA B 3 -26.61 -9.30 20.40
N PRO B 4 -26.92 -8.32 19.53
CA PRO B 4 -27.42 -8.58 18.18
C PRO B 4 -26.52 -9.53 17.39
N VAL B 5 -27.11 -10.59 16.85
CA VAL B 5 -26.36 -11.58 16.08
C VAL B 5 -26.06 -11.06 14.68
N LEU B 6 -26.99 -10.32 14.09
CA LEU B 6 -26.80 -9.80 12.73
C LEU B 6 -26.57 -8.28 12.72
N PRO B 7 -25.93 -7.76 11.67
CA PRO B 7 -25.72 -6.30 11.64
C PRO B 7 -27.01 -5.51 11.77
N ALA B 8 -26.90 -4.27 12.22
CA ALA B 8 -28.06 -3.40 12.40
C ALA B 8 -28.83 -3.20 11.10
N ALA B 9 -28.09 -3.18 9.99
CA ALA B 9 -28.70 -3.04 8.66
C ALA B 9 -27.83 -3.78 7.66
N PHE B 10 -28.46 -4.40 6.67
CA PHE B 10 -27.75 -5.14 5.61
C PHE B 10 -27.42 -4.22 4.45
N GLY B 11 -28.33 -3.29 4.17
CA GLY B 11 -28.11 -2.39 3.06
C GLY B 11 -28.96 -1.14 3.16
N PHE B 12 -28.91 -0.31 2.13
CA PHE B 12 -29.69 0.90 2.15
C PHE B 12 -29.75 1.57 0.80
N LEU B 13 -30.62 2.57 0.74
CA LEU B 13 -30.79 3.43 -0.41
C LEU B 13 -30.94 4.76 0.32
N ALA B 14 -30.06 5.70 0.04
CA ALA B 14 -30.06 6.99 0.70
C ALA B 14 -29.97 8.10 -0.35
N SER B 15 -30.40 9.30 0.03
CA SER B 15 -30.34 10.41 -0.90
C SER B 15 -30.20 11.74 -0.18
N ALA B 16 -29.51 12.66 -0.83
CA ALA B 16 -29.32 14.00 -0.28
C ALA B 16 -29.60 14.93 -1.45
N ARG B 17 -30.49 15.89 -1.24
CA ARG B 17 -30.83 16.84 -2.28
C ARG B 17 -31.58 18.04 -1.73
N THR B 18 -32.37 18.69 -2.59
CA THR B 18 -33.16 19.86 -2.21
C THR B 18 -34.33 20.04 -3.18
N GLY B 19 -35.39 19.27 -2.95
CA GLY B 19 -36.56 19.36 -3.81
C GLY B 19 -37.39 18.09 -3.78
N GLY B 20 -37.62 17.56 -2.57
CA GLY B 20 -38.40 16.35 -2.44
C GLY B 20 -39.87 16.55 -2.78
N PRO B 24 -39.84 6.94 -4.32
CA PRO B 24 -39.92 5.63 -4.98
C PRO B 24 -39.46 4.48 -4.07
N GLY B 25 -40.23 3.39 -4.04
CA GLY B 25 -39.87 2.26 -3.21
C GLY B 25 -38.63 1.54 -3.70
N PRO B 26 -37.60 1.36 -2.84
CA PRO B 26 -36.36 0.68 -3.22
C PRO B 26 -36.57 -0.79 -3.59
N VAL B 27 -35.84 -1.24 -4.61
CA VAL B 27 -35.91 -2.62 -5.09
C VAL B 27 -34.62 -3.31 -4.70
N PHE B 28 -34.69 -4.20 -3.69
CA PHE B 28 -33.51 -4.92 -3.22
C PHE B 28 -33.59 -6.43 -3.38
N ALA B 29 -32.44 -7.07 -3.56
CA ALA B 29 -32.35 -8.52 -3.67
C ALA B 29 -32.21 -9.01 -2.24
N THR B 30 -31.65 -8.16 -1.39
CA THR B 30 -31.46 -8.44 0.03
C THR B 30 -32.85 -8.59 0.66
N ARG B 31 -33.04 -9.64 1.45
CA ARG B 31 -34.32 -9.88 2.10
C ARG B 31 -34.33 -9.22 3.48
N GLY B 32 -35.47 -8.61 3.83
CA GLY B 32 -35.55 -7.97 5.13
C GLY B 32 -36.58 -6.85 5.14
N SER B 33 -36.77 -6.26 6.32
CA SER B 33 -37.71 -5.17 6.48
C SER B 33 -37.11 -3.90 5.87
N HIS B 34 -37.96 -3.02 5.34
CA HIS B 34 -37.49 -1.74 4.77
C HIS B 34 -37.98 -0.64 5.69
N THR B 35 -37.04 0.04 6.32
CA THR B 35 -37.37 1.10 7.28
C THR B 35 -36.72 2.43 6.95
N ASP B 36 -37.55 3.46 6.77
CA ASP B 36 -37.04 4.80 6.48
C ASP B 36 -36.66 5.50 7.76
N ILE B 37 -35.55 6.21 7.75
CA ILE B 37 -35.12 6.93 8.95
C ILE B 37 -35.80 8.29 8.97
N ASP B 38 -35.83 8.93 10.14
CA ASP B 38 -36.45 10.24 10.23
C ASP B 38 -35.63 11.28 9.49
N THR B 39 -36.32 12.33 9.06
CA THR B 39 -35.67 13.44 8.36
C THR B 39 -36.05 14.72 9.09
N PRO B 40 -35.42 14.96 10.26
CA PRO B 40 -35.67 16.15 11.09
C PRO B 40 -35.37 17.49 10.44
N GLN B 41 -34.45 17.52 9.49
CA GLN B 41 -34.11 18.77 8.81
C GLN B 41 -34.81 18.89 7.45
N GLY B 42 -35.87 18.10 7.26
CA GLY B 42 -36.58 18.14 5.99
C GLY B 42 -35.67 17.79 4.84
N GLU B 43 -35.62 18.64 3.81
CA GLU B 43 -34.77 18.36 2.66
C GLU B 43 -33.28 18.60 2.90
N ARG B 44 -32.96 19.17 4.06
CA ARG B 44 -31.55 19.42 4.42
C ARG B 44 -31.03 18.18 5.15
N SER B 45 -31.91 17.25 5.48
CA SER B 45 -31.47 16.05 6.17
C SER B 45 -31.13 14.93 5.20
N LEU B 46 -30.50 13.87 5.69
CA LEU B 46 -30.17 12.73 4.85
C LEU B 46 -31.38 11.80 4.88
N ALA B 47 -31.88 11.40 3.71
CA ALA B 47 -33.02 10.50 3.66
C ALA B 47 -32.47 9.11 3.40
N ALA B 48 -33.07 8.09 4.00
CA ALA B 48 -32.56 6.75 3.76
C ALA B 48 -33.51 5.63 4.11
N THR B 49 -33.52 4.60 3.28
CA THR B 49 -34.34 3.42 3.51
C THR B 49 -33.36 2.28 3.80
N LEU B 50 -33.47 1.70 4.98
CA LEU B 50 -32.60 0.62 5.39
C LEU B 50 -33.28 -0.75 5.25
N VAL B 51 -32.54 -1.75 4.78
CA VAL B 51 -33.07 -3.10 4.68
C VAL B 51 -32.33 -3.82 5.80
N HIS B 52 -33.10 -4.41 6.72
CA HIS B 52 -32.50 -5.05 7.89
C HIS B 52 -33.25 -6.29 8.37
N ALA B 53 -32.63 -6.97 9.32
CA ALA B 53 -33.18 -8.18 9.93
C ALA B 53 -34.56 -7.94 10.54
N PRO B 54 -35.57 -8.73 10.12
CA PRO B 54 -36.92 -8.57 10.66
C PRO B 54 -36.98 -8.68 12.19
N SER B 55 -37.79 -7.80 12.79
CA SER B 55 -38.02 -7.72 14.24
C SER B 55 -36.92 -7.03 15.04
N VAL B 56 -35.85 -6.61 14.37
CA VAL B 56 -34.77 -5.93 15.08
C VAL B 56 -34.63 -4.51 14.54
N ALA B 57 -35.14 -3.53 15.29
CA ALA B 57 -35.06 -2.14 14.86
C ALA B 57 -33.61 -1.82 14.50
N PRO B 58 -33.39 -1.18 13.34
CA PRO B 58 -32.08 -0.79 12.79
C PRO B 58 -31.43 0.45 13.40
N ASP B 59 -31.86 0.81 14.61
CA ASP B 59 -31.35 1.98 15.33
C ASP B 59 -29.83 2.11 15.36
N ARG B 60 -29.13 0.99 15.56
CA ARG B 60 -27.67 1.02 15.61
C ARG B 60 -26.99 1.35 14.28
N ALA B 61 -27.78 1.40 13.20
CA ALA B 61 -27.21 1.70 11.88
C ALA B 61 -27.33 3.18 11.54
N VAL B 62 -27.84 3.97 12.47
CA VAL B 62 -28.04 5.41 12.26
C VAL B 62 -27.41 6.23 13.39
N ALA B 63 -26.78 7.35 13.06
CA ALA B 63 -26.19 8.19 14.09
C ALA B 63 -26.32 9.65 13.68
N ARG B 64 -26.52 10.53 14.66
CA ARG B 64 -26.68 11.96 14.40
C ARG B 64 -25.77 12.78 15.31
N SER B 65 -25.49 14.02 14.91
CA SER B 65 -24.62 14.87 15.72
C SER B 65 -25.23 15.13 17.10
N LEU B 66 -24.37 15.36 18.09
CA LEU B 66 -24.83 15.62 19.44
C LEU B 66 -25.07 17.11 19.70
N THR B 67 -24.85 17.93 18.67
CA THR B 67 -25.04 19.38 18.79
C THR B 67 -26.33 19.81 18.12
N GLY B 68 -27.16 18.85 17.75
CA GLY B 68 -28.43 19.14 17.10
C GLY B 68 -28.28 19.73 15.71
N ALA B 69 -27.12 19.54 15.10
CA ALA B 69 -26.87 20.07 13.75
C ALA B 69 -27.20 19.03 12.66
N PRO B 70 -27.26 19.48 11.40
CA PRO B 70 -27.57 18.65 10.22
C PRO B 70 -26.51 17.61 9.85
N THR B 71 -26.21 16.69 10.76
CA THR B 71 -25.23 15.64 10.45
C THR B 71 -25.84 14.28 10.79
N THR B 72 -25.83 13.39 9.80
CA THR B 72 -26.38 12.04 9.98
C THR B 72 -25.51 11.04 9.26
N ALA B 73 -25.30 9.88 9.88
CA ALA B 73 -24.51 8.81 9.26
C ALA B 73 -25.38 7.55 9.21
N VAL B 74 -25.26 6.80 8.12
CA VAL B 74 -26.01 5.55 7.97
C VAL B 74 -24.96 4.51 7.58
N LEU B 75 -25.00 3.35 8.24
CA LEU B 75 -24.02 2.31 7.97
C LEU B 75 -24.62 0.92 7.79
N ALA B 76 -24.22 0.23 6.71
CA ALA B 76 -24.69 -1.12 6.44
C ALA B 76 -23.50 -1.99 6.80
N GLY B 77 -23.73 -3.10 7.49
CA GLY B 77 -22.61 -3.95 7.85
C GLY B 77 -22.14 -3.75 9.29
N GLU B 78 -20.89 -4.11 9.55
CA GLU B 78 -20.36 -4.01 10.90
C GLU B 78 -18.85 -3.75 10.92
N ILE B 79 -18.35 -3.38 12.09
CA ILE B 79 -16.94 -3.10 12.30
C ILE B 79 -16.34 -4.14 13.23
N TYR B 80 -15.11 -4.57 12.95
CA TYR B 80 -14.46 -5.60 13.78
C TYR B 80 -13.44 -5.13 14.82
N ASN B 81 -12.67 -4.08 14.55
CA ASN B 81 -11.70 -3.63 15.55
C ASN B 81 -12.32 -2.56 16.45
N ARG B 82 -13.45 -2.92 17.06
CA ARG B 82 -14.19 -2.00 17.92
C ARG B 82 -13.39 -1.52 19.14
N ASP B 83 -12.79 -2.45 19.88
CA ASP B 83 -12.00 -2.06 21.05
C ASP B 83 -10.89 -1.09 20.68
N GLU B 84 -10.20 -1.37 19.58
CA GLU B 84 -9.12 -0.49 19.11
C GLU B 84 -9.65 0.92 18.83
N LEU B 85 -10.76 1.00 18.11
CA LEU B 85 -11.35 2.28 17.74
C LEU B 85 -11.85 3.04 18.97
N LEU B 86 -12.47 2.31 19.90
CA LEU B 86 -12.98 2.93 21.12
C LEU B 86 -11.83 3.56 21.91
N SER B 87 -10.65 2.94 21.85
CA SER B 87 -9.49 3.41 22.57
C SER B 87 -8.91 4.76 22.10
N VAL B 88 -9.32 5.21 20.92
CA VAL B 88 -8.82 6.48 20.41
C VAL B 88 -9.84 7.61 20.51
N LEU B 89 -10.94 7.36 21.21
CA LEU B 89 -11.99 8.36 21.39
C LEU B 89 -11.86 9.03 22.76
N PRO B 90 -12.23 10.32 22.88
CA PRO B 90 -12.23 11.07 24.16
C PRO B 90 -12.91 10.30 25.23
N ALA B 91 -12.69 10.69 26.50
CA ALA B 91 -12.99 9.72 27.55
C ALA B 91 -14.57 9.63 27.82
N GLY B 92 -15.43 8.79 27.52
CA GLY B 92 -16.64 8.07 27.56
C GLY B 92 -18.04 8.64 27.76
N PRO B 93 -19.47 8.38 27.62
CA PRO B 93 -20.21 7.13 27.25
C PRO B 93 -19.85 6.65 25.89
N ALA B 94 -19.34 5.41 25.81
CA ALA B 94 -19.01 4.79 24.53
C ALA B 94 -20.23 4.82 23.61
N PRO B 95 -20.00 4.86 22.29
CA PRO B 95 -21.11 4.89 21.33
C PRO B 95 -21.84 3.55 21.26
N GLU B 96 -23.13 3.62 20.95
CA GLU B 96 -23.95 2.42 20.83
C GLU B 96 -24.19 2.16 19.34
N GLY B 97 -23.43 1.23 18.78
CA GLY B 97 -23.59 0.91 17.37
C GLY B 97 -22.43 1.40 16.53
N ASP B 98 -22.23 0.76 15.38
CA ASP B 98 -21.13 1.11 14.51
C ASP B 98 -21.33 2.43 13.76
N ALA B 99 -22.58 2.82 13.56
CA ALA B 99 -22.86 4.08 12.89
C ALA B 99 -22.36 5.20 13.80
N GLU B 100 -22.62 5.08 15.09
CA GLU B 100 -22.17 6.09 16.05
C GLU B 100 -20.66 6.08 16.21
N LEU B 101 -20.06 4.88 16.18
CA LEU B 101 -18.61 4.78 16.33
C LEU B 101 -17.97 5.55 15.18
N VAL B 102 -18.53 5.37 13.99
CA VAL B 102 -18.04 6.07 12.80
C VAL B 102 -18.19 7.57 12.96
N LEU B 103 -19.37 8.02 13.39
CA LEU B 103 -19.58 9.45 13.55
C LEU B 103 -18.63 10.06 14.57
N ARG B 104 -18.38 9.36 15.68
CA ARG B 104 -17.47 9.87 16.71
C ARG B 104 -16.05 9.93 16.15
N LEU B 105 -15.69 8.93 15.36
CA LEU B 105 -14.37 8.87 14.77
C LEU B 105 -14.18 9.99 13.77
N LEU B 106 -15.24 10.31 13.03
CA LEU B 106 -15.17 11.40 12.04
C LEU B 106 -14.98 12.75 12.72
N GLU B 107 -15.63 12.92 13.86
CA GLU B 107 -15.49 14.18 14.61
C GLU B 107 -14.04 14.40 15.01
N ARG B 108 -13.28 13.31 15.15
CA ARG B 108 -11.88 13.43 15.55
C ARG B 108 -10.85 13.44 14.41
N TYR B 109 -11.08 12.61 13.40
CA TYR B 109 -10.15 12.46 12.26
C TYR B 109 -10.71 12.91 10.92
N ASP B 110 -11.98 13.30 10.91
CA ASP B 110 -12.69 13.66 9.68
C ASP B 110 -12.65 12.40 8.80
N LEU B 111 -12.58 12.56 7.48
CA LEU B 111 -12.57 11.42 6.57
C LEU B 111 -11.43 10.42 6.79
N HIS B 112 -10.41 10.84 7.52
CA HIS B 112 -9.27 9.98 7.79
C HIS B 112 -9.68 8.88 8.74
N ALA B 113 -10.85 9.04 9.35
CA ALA B 113 -11.37 8.03 10.27
C ALA B 113 -11.39 6.67 9.58
N PHE B 114 -11.72 6.66 8.30
CA PHE B 114 -11.81 5.41 7.57
C PHE B 114 -10.49 4.66 7.38
N ARG B 115 -9.35 5.34 7.52
CA ARG B 115 -8.06 4.66 7.39
C ARG B 115 -7.85 3.74 8.60
N LEU B 116 -8.61 3.99 9.67
CA LEU B 116 -8.50 3.23 10.90
C LEU B 116 -9.44 2.03 11.04
N VAL B 117 -10.53 2.05 10.30
CA VAL B 117 -11.54 1.00 10.42
C VAL B 117 -11.33 -0.32 9.68
N ASN B 118 -11.31 -1.42 10.44
CA ASN B 118 -11.21 -2.77 9.88
C ASN B 118 -12.60 -3.39 10.00
N GLY B 119 -13.36 -3.43 8.91
CA GLY B 119 -14.70 -4.00 8.98
C GLY B 119 -15.24 -4.61 7.69
N ARG B 120 -16.56 -4.69 7.61
CA ARG B 120 -17.29 -5.22 6.44
C ARG B 120 -18.50 -4.30 6.41
N PHE B 121 -18.36 -3.16 5.75
CA PHE B 121 -19.41 -2.16 5.76
C PHE B 121 -19.41 -1.21 4.55
N ALA B 122 -20.48 -0.44 4.43
CA ALA B 122 -20.64 0.60 3.41
C ALA B 122 -21.35 1.68 4.23
N THR B 123 -21.00 2.95 4.03
CA THR B 123 -21.65 3.98 4.81
C THR B 123 -21.83 5.28 4.05
N VAL B 124 -22.83 6.06 4.43
CA VAL B 124 -23.09 7.34 3.79
C VAL B 124 -23.33 8.34 4.91
N VAL B 125 -22.72 9.51 4.79
CA VAL B 125 -22.84 10.54 5.80
C VAL B 125 -23.15 11.87 5.14
N ARG B 126 -24.06 12.63 5.72
CA ARG B 126 -24.35 13.96 5.19
C ARG B 126 -24.11 14.95 6.32
N THR B 127 -23.36 15.99 6.02
CA THR B 127 -23.07 17.06 6.98
C THR B 127 -23.34 18.34 6.21
N GLY B 128 -24.43 19.03 6.53
CA GLY B 128 -24.74 20.24 5.80
C GLY B 128 -24.88 19.86 4.33
N ASP B 129 -24.12 20.49 3.44
CA ASP B 129 -24.19 20.16 2.02
C ASP B 129 -22.97 19.37 1.55
N ARG B 130 -22.38 18.63 2.48
CA ARG B 130 -21.22 17.79 2.21
C ARG B 130 -21.70 16.34 2.36
N VAL B 131 -21.29 15.45 1.46
CA VAL B 131 -21.70 14.05 1.56
C VAL B 131 -20.49 13.12 1.48
N LEU B 132 -20.36 12.19 2.43
CA LEU B 132 -19.25 11.25 2.41
C LEU B 132 -19.76 9.85 2.07
N LEU B 133 -19.03 9.14 1.23
CA LEU B 133 -19.40 7.77 0.89
C LEU B 133 -18.13 6.96 1.15
N ALA B 134 -18.25 5.85 1.88
CA ALA B 134 -17.06 5.06 2.17
C ALA B 134 -17.32 3.55 2.20
N THR B 135 -16.33 2.80 1.71
CA THR B 135 -16.38 1.34 1.67
C THR B 135 -15.34 0.79 2.63
N ASP B 136 -15.37 -0.51 2.91
CA ASP B 136 -14.35 -1.08 3.79
C ASP B 136 -13.10 -1.28 2.93
N HIS B 137 -11.98 -1.67 3.53
CA HIS B 137 -10.73 -1.83 2.78
C HIS B 137 -10.80 -2.61 1.49
N ALA B 138 -11.63 -3.64 1.44
CA ALA B 138 -11.74 -4.47 0.24
C ALA B 138 -13.04 -4.25 -0.51
N GLY B 139 -13.82 -3.25 -0.12
CA GLY B 139 -15.09 -3.02 -0.77
C GLY B 139 -15.96 -4.28 -0.68
N SER B 140 -15.80 -5.04 0.41
CA SER B 140 -16.56 -6.28 0.59
C SER B 140 -18.08 -6.11 0.60
N VAL B 141 -18.54 -4.88 0.86
CA VAL B 141 -19.97 -4.56 0.84
C VAL B 141 -20.10 -3.52 -0.27
N PRO B 142 -20.51 -3.96 -1.47
CA PRO B 142 -20.66 -3.05 -2.60
C PRO B 142 -21.45 -1.77 -2.27
N LEU B 143 -20.99 -0.65 -2.82
CA LEU B 143 -21.65 0.64 -2.61
C LEU B 143 -21.64 1.37 -3.96
N TYR B 144 -22.82 1.80 -4.41
CA TYR B 144 -22.96 2.48 -5.69
C TYR B 144 -23.54 3.86 -5.47
N THR B 145 -23.41 4.73 -6.48
CA THR B 145 -23.96 6.07 -6.33
C THR B 145 -24.31 6.72 -7.67
N CYS B 146 -25.21 7.69 -7.60
CA CYS B 146 -25.66 8.48 -8.75
C CYS B 146 -25.51 9.91 -8.25
N VAL B 147 -24.52 10.63 -8.76
CA VAL B 147 -24.27 11.99 -8.33
C VAL B 147 -24.43 13.02 -9.44
N ALA B 148 -25.18 14.07 -9.14
CA ALA B 148 -25.39 15.17 -10.07
C ALA B 148 -25.47 16.42 -9.20
N PRO B 149 -25.23 17.60 -9.78
CA PRO B 149 -25.28 18.86 -9.03
C PRO B 149 -26.59 18.97 -8.27
N GLY B 150 -26.50 19.16 -6.96
CA GLY B 150 -27.71 19.28 -6.16
C GLY B 150 -28.33 17.97 -5.66
N GLU B 151 -27.81 16.84 -6.10
CA GLU B 151 -28.39 15.57 -5.65
C GLU B 151 -27.43 14.39 -5.61
N VAL B 152 -27.42 13.72 -4.46
CA VAL B 152 -26.57 12.56 -4.29
C VAL B 152 -27.45 11.37 -3.91
N ARG B 153 -27.29 10.26 -4.62
CA ARG B 153 -28.03 9.03 -4.31
C ARG B 153 -27.02 7.89 -4.17
N ALA B 154 -27.13 7.13 -3.10
CA ALA B 154 -26.21 6.03 -2.84
C ALA B 154 -26.95 4.77 -2.41
N SER B 155 -26.43 3.62 -2.83
CA SER B 155 -27.09 2.37 -2.50
C SER B 155 -26.16 1.17 -2.51
N THR B 156 -26.46 0.22 -1.62
CA THR B 156 -25.67 -0.98 -1.52
C THR B 156 -25.98 -1.95 -2.66
N GLU B 157 -26.94 -1.57 -3.50
CA GLU B 157 -27.33 -2.39 -4.67
C GLU B 157 -27.54 -1.48 -5.88
N ALA B 158 -26.81 -1.72 -6.95
CA ALA B 158 -26.95 -0.89 -8.14
C ALA B 158 -28.35 -0.99 -8.72
N LYS B 159 -29.00 -2.14 -8.54
CA LYS B 159 -30.35 -2.31 -9.06
C LYS B 159 -31.34 -1.34 -8.44
N ALA B 160 -31.08 -0.94 -7.20
CA ALA B 160 -31.95 0.00 -6.49
C ALA B 160 -31.87 1.39 -7.11
N LEU B 161 -30.72 1.70 -7.71
CA LEU B 161 -30.53 2.99 -8.34
C LEU B 161 -31.00 2.99 -9.79
N ALA B 162 -30.88 1.84 -10.44
CA ALA B 162 -31.29 1.71 -11.84
C ALA B 162 -32.82 1.68 -11.98
N ALA B 163 -33.50 1.29 -10.90
CA ALA B 163 -34.96 1.22 -10.90
C ALA B 163 -35.59 2.60 -11.09
N HIS B 164 -34.76 3.63 -11.09
CA HIS B 164 -35.21 5.00 -11.27
C HIS B 164 -35.30 5.39 -12.73
N ARG B 165 -36.20 6.31 -13.04
CA ARG B 165 -36.40 6.79 -14.41
C ARG B 165 -35.18 7.59 -14.87
N ASP B 166 -34.31 6.94 -15.64
CA ASP B 166 -33.10 7.59 -16.15
C ASP B 166 -32.24 8.12 -15.00
N PRO B 167 -31.44 7.23 -14.38
CA PRO B 167 -30.56 7.59 -13.26
C PRO B 167 -29.64 8.78 -13.57
N LYS B 168 -29.78 9.84 -12.77
CA LYS B 168 -28.96 11.04 -12.94
C LYS B 168 -27.58 10.87 -12.27
N GLY B 169 -26.76 10.02 -12.88
CA GLY B 169 -25.43 9.78 -12.35
C GLY B 169 -24.38 10.15 -13.37
N PHE B 170 -23.41 10.95 -12.95
CA PHE B 170 -22.37 11.39 -13.85
C PHE B 170 -20.99 11.03 -13.31
N PRO B 171 -19.98 10.95 -14.19
CA PRO B 171 -18.61 10.61 -13.80
C PRO B 171 -18.08 11.27 -12.54
N LEU B 172 -17.42 10.45 -11.72
CA LEU B 172 -16.84 10.90 -10.46
C LEU B 172 -15.41 10.41 -10.33
N ALA B 173 -14.57 11.21 -9.66
CA ALA B 173 -13.17 10.78 -9.47
C ALA B 173 -13.01 9.50 -8.65
N ASP B 174 -12.24 8.58 -9.16
CA ASP B 174 -11.88 7.24 -8.81
C ASP B 174 -13.10 6.30 -8.66
N ALA B 175 -14.23 6.78 -9.21
CA ALA B 175 -15.47 6.02 -9.39
C ALA B 175 -15.66 5.48 -10.82
N ARG B 176 -15.97 4.20 -10.96
CA ARG B 176 -16.12 3.57 -12.27
C ARG B 176 -17.57 3.26 -12.63
N ARG B 177 -17.91 3.53 -13.88
CA ARG B 177 -19.26 3.29 -14.38
C ARG B 177 -19.56 1.80 -14.44
N VAL B 178 -20.75 1.42 -14.00
CA VAL B 178 -21.15 0.02 -13.99
C VAL B 178 -21.60 -0.40 -15.39
N ALA B 179 -20.91 -1.39 -15.94
CA ALA B 179 -21.24 -1.88 -17.27
C ALA B 179 -22.65 -2.46 -17.28
N GLY B 180 -23.40 -2.13 -18.32
CA GLY B 180 -24.76 -2.62 -18.45
C GLY B 180 -25.82 -1.66 -17.94
N LEU B 181 -25.39 -0.65 -17.19
CA LEU B 181 -26.31 0.33 -16.63
C LEU B 181 -25.92 1.74 -17.08
N THR B 182 -26.81 2.71 -16.88
CA THR B 182 -26.52 4.09 -17.25
C THR B 182 -26.71 4.99 -16.04
N GLY B 183 -25.72 5.85 -15.79
CA GLY B 183 -25.81 6.74 -14.66
C GLY B 183 -25.42 6.15 -13.33
N VAL B 184 -25.03 4.88 -13.31
CA VAL B 184 -24.64 4.24 -12.04
C VAL B 184 -23.14 3.97 -11.93
N TYR B 185 -22.55 4.49 -10.87
CA TYR B 185 -21.13 4.33 -10.64
C TYR B 185 -20.88 3.58 -9.32
N GLN B 186 -19.81 2.78 -9.29
CA GLN B 186 -19.48 2.02 -8.08
C GLN B 186 -18.34 2.69 -7.34
N VAL B 187 -18.51 2.86 -6.04
CA VAL B 187 -17.47 3.46 -5.20
C VAL B 187 -16.35 2.45 -5.09
N PRO B 188 -15.08 2.90 -5.22
CA PRO B 188 -13.90 2.04 -5.14
C PRO B 188 -13.73 1.41 -3.76
N ALA B 189 -13.13 0.23 -3.69
CA ALA B 189 -12.88 -0.41 -2.40
C ALA B 189 -11.85 0.44 -1.66
N GLY B 190 -11.82 0.33 -0.34
CA GLY B 190 -10.86 1.09 0.45
C GLY B 190 -10.79 2.56 0.07
N ALA B 191 -11.94 3.24 0.13
CA ALA B 191 -11.98 4.63 -0.26
C ALA B 191 -13.06 5.41 0.44
N VAL B 192 -12.90 6.73 0.43
CA VAL B 192 -13.89 7.61 0.97
C VAL B 192 -14.00 8.77 0.01
N MET B 193 -15.20 8.98 -0.50
CA MET B 193 -15.48 10.05 -1.44
C MET B 193 -16.06 11.22 -0.67
N ASP B 194 -15.45 12.38 -0.87
CA ASP B 194 -15.85 13.63 -0.22
C ASP B 194 -16.62 14.38 -1.31
N ILE B 195 -17.94 14.36 -1.23
CA ILE B 195 -18.75 15.01 -2.24
C ILE B 195 -19.35 16.35 -1.88
N ASP B 196 -19.18 17.32 -2.78
CA ASP B 196 -19.75 18.65 -2.60
C ASP B 196 -21.14 18.56 -3.24
N LEU B 197 -22.17 18.52 -2.42
CA LEU B 197 -23.55 18.39 -2.92
C LEU B 197 -23.95 19.44 -3.95
N GLY B 198 -23.54 20.68 -3.74
CA GLY B 198 -23.91 21.75 -4.65
C GLY B 198 -23.41 21.61 -6.08
N SER B 199 -22.13 21.31 -6.24
CA SER B 199 -21.51 21.17 -7.55
C SER B 199 -21.54 19.76 -8.12
N GLY B 200 -21.75 18.77 -7.26
CA GLY B 200 -21.78 17.40 -7.73
C GLY B 200 -20.39 16.92 -8.10
N THR B 201 -19.38 17.49 -7.44
CA THR B 201 -18.02 17.07 -7.70
C THR B 201 -17.49 16.48 -6.41
N ALA B 202 -16.47 15.64 -6.53
CA ALA B 202 -15.91 15.01 -5.36
C ALA B 202 -14.44 14.74 -5.50
N VAL B 203 -13.83 14.47 -4.34
CA VAL B 203 -12.42 14.14 -4.27
C VAL B 203 -12.41 12.80 -3.55
N THR B 204 -11.76 11.82 -4.14
CA THR B 204 -11.71 10.50 -3.54
C THR B 204 -10.37 10.28 -2.87
N HIS B 205 -10.41 9.64 -1.71
CA HIS B 205 -9.20 9.35 -0.94
C HIS B 205 -9.17 7.85 -0.72
N ARG B 206 -8.04 7.20 -1.00
CA ARG B 206 -7.96 5.77 -0.76
C ARG B 206 -7.52 5.63 0.68
N THR B 207 -8.16 4.70 1.40
CA THR B 207 -7.88 4.49 2.81
C THR B 207 -7.18 3.16 3.08
N TRP B 208 -6.80 2.47 2.01
CA TRP B 208 -6.10 1.20 2.11
C TRP B 208 -5.76 0.76 0.71
N THR B 209 -4.72 -0.03 0.58
CA THR B 209 -4.33 -0.56 -0.72
C THR B 209 -3.43 -1.75 -0.44
N PRO B 210 -3.47 -2.76 -1.31
CA PRO B 210 -2.65 -3.97 -1.15
C PRO B 210 -1.17 -3.65 -1.07
N GLY B 211 -0.48 -4.24 -0.11
CA GLY B 211 0.94 -4.00 0.01
C GLY B 211 1.63 -4.53 -1.24
N LEU B 212 2.67 -3.84 -1.69
CA LEU B 212 3.41 -4.27 -2.87
C LEU B 212 4.74 -4.89 -2.49
N SER B 213 5.17 -4.62 -1.26
CA SER B 213 6.41 -5.15 -0.73
C SER B 213 6.17 -6.45 0.03
N ARG B 214 7.24 -7.12 0.42
CA ARG B 214 7.15 -8.37 1.17
C ARG B 214 8.13 -8.22 2.32
N ARG B 215 7.80 -8.79 3.49
CA ARG B 215 8.69 -8.68 4.63
C ARG B 215 9.06 -10.06 5.16
N ILE B 216 10.36 -10.29 5.26
CA ILE B 216 10.89 -11.56 5.76
C ILE B 216 10.87 -11.54 7.28
N LEU B 217 10.24 -12.55 7.86
CA LEU B 217 10.15 -12.67 9.32
C LEU B 217 10.66 -14.06 9.70
N PRO B 218 11.10 -14.23 10.95
CA PRO B 218 11.58 -15.56 11.36
C PRO B 218 10.41 -16.49 11.04
N GLU B 219 10.66 -17.55 10.27
CA GLU B 219 9.60 -18.46 9.86
C GLU B 219 8.69 -18.98 10.97
N GLY B 220 9.28 -19.36 12.10
CA GLY B 220 8.46 -19.86 13.20
C GLY B 220 7.49 -18.79 13.65
N GLU B 221 7.97 -17.54 13.68
CA GLU B 221 7.16 -16.39 14.08
C GLU B 221 6.09 -16.09 13.03
N ALA B 222 6.43 -16.28 11.77
CA ALA B 222 5.48 -16.02 10.67
C ALA B 222 4.26 -16.93 10.74
N VAL B 223 4.51 -18.22 10.97
CA VAL B 223 3.42 -19.20 11.06
C VAL B 223 2.53 -18.93 12.27
N ALA B 224 3.14 -18.58 13.39
CA ALA B 224 2.38 -18.29 14.61
C ALA B 224 1.59 -17.00 14.45
N ALA B 225 2.16 -16.06 13.69
CA ALA B 225 1.48 -14.79 13.47
C ALA B 225 0.25 -14.99 12.61
N VAL B 226 0.31 -15.90 11.64
CA VAL B 226 -0.83 -16.17 10.78
C VAL B 226 -1.97 -16.79 11.60
N ARG B 227 -1.62 -17.69 12.51
CA ARG B 227 -2.61 -18.34 13.37
C ARG B 227 -3.27 -17.32 14.27
N ALA B 228 -2.46 -16.47 14.89
CA ALA B 228 -2.97 -15.44 15.80
C ALA B 228 -3.90 -14.47 15.07
N ALA B 229 -3.48 -13.99 13.91
CA ALA B 229 -4.30 -13.05 13.13
C ALA B 229 -5.65 -13.66 12.72
N LEU B 230 -5.63 -14.92 12.28
CA LEU B 230 -6.86 -15.60 11.87
C LEU B 230 -7.77 -15.79 13.09
N GLU B 231 -7.15 -16.19 14.20
CA GLU B 231 -7.86 -16.42 15.47
C GLU B 231 -8.58 -15.12 15.88
N LYS B 232 -7.88 -13.99 15.76
CA LYS B 232 -8.49 -12.71 16.13
C LYS B 232 -9.60 -12.33 15.15
N ALA B 233 -9.32 -12.43 13.85
CA ALA B 233 -10.31 -12.08 12.84
C ALA B 233 -11.61 -12.88 13.01
N VAL B 234 -11.48 -14.15 13.34
CA VAL B 234 -12.64 -15.02 13.54
C VAL B 234 -13.39 -14.67 14.82
N ALA B 235 -12.66 -14.45 15.92
CA ALA B 235 -13.29 -14.10 17.18
C ALA B 235 -14.09 -12.81 17.03
N GLN B 236 -13.51 -11.87 16.28
CA GLN B 236 -14.16 -10.59 16.02
C GLN B 236 -15.47 -10.75 15.25
N ARG B 237 -15.55 -11.81 14.44
CA ARG B 237 -16.74 -12.07 13.62
C ARG B 237 -17.77 -12.98 14.29
N VAL B 238 -17.49 -13.44 15.50
CA VAL B 238 -18.43 -14.30 16.21
C VAL B 238 -19.11 -13.50 17.31
N THR B 239 -20.43 -13.58 17.37
CA THR B 239 -21.21 -12.84 18.37
C THR B 239 -21.28 -13.64 19.67
N PRO B 240 -20.88 -13.02 20.79
CA PRO B 240 -20.92 -13.73 22.07
C PRO B 240 -22.34 -14.12 22.45
N GLY B 241 -22.52 -15.40 22.80
CA GLY B 241 -23.85 -15.88 23.15
C GLY B 241 -24.52 -16.52 21.96
N ASP B 242 -23.86 -16.50 20.81
CA ASP B 242 -24.41 -17.09 19.59
C ASP B 242 -23.42 -18.03 18.93
N THR B 243 -23.88 -19.25 18.65
CA THR B 243 -23.03 -20.24 17.99
C THR B 243 -23.16 -19.98 16.49
N PRO B 244 -22.03 -19.66 15.84
CA PRO B 244 -22.03 -19.38 14.41
C PRO B 244 -22.09 -20.63 13.53
N LEU B 245 -22.37 -20.42 12.25
CA LEU B 245 -22.44 -21.47 11.25
C LEU B 245 -21.24 -21.30 10.30
N VAL B 246 -20.47 -22.35 10.07
CA VAL B 246 -19.33 -22.25 9.15
C VAL B 246 -19.60 -23.14 7.94
N VAL B 247 -19.43 -22.58 6.74
CA VAL B 247 -19.61 -23.34 5.51
C VAL B 247 -18.37 -24.22 5.38
N LEU B 248 -18.56 -25.53 5.46
CA LEU B 248 -17.44 -26.44 5.42
C LEU B 248 -17.21 -27.23 4.13
N SER B 249 -15.99 -27.19 3.64
CA SER B 249 -15.59 -27.93 2.45
C SER B 249 -14.55 -28.94 2.91
N GLY B 250 -13.83 -29.52 1.95
CA GLY B 250 -12.83 -30.51 2.30
C GLY B 250 -11.41 -29.99 2.42
N GLY B 251 -11.22 -28.71 2.11
CA GLY B 251 -9.88 -28.14 2.17
C GLY B 251 -9.47 -27.45 3.45
N ILE B 252 -8.28 -26.87 3.43
CA ILE B 252 -7.74 -26.19 4.58
C ILE B 252 -8.41 -24.84 4.82
N ASP B 253 -8.92 -24.23 3.75
CA ASP B 253 -9.57 -22.92 3.87
C ASP B 253 -10.68 -22.90 4.92
N SER B 254 -11.77 -23.61 4.64
CA SER B 254 -12.90 -23.66 5.55
C SER B 254 -12.59 -24.38 6.87
N SER B 255 -11.68 -25.36 6.82
CA SER B 255 -11.30 -26.11 8.02
C SER B 255 -10.59 -25.20 9.01
N GLY B 256 -9.72 -24.33 8.49
CA GLY B 256 -9.00 -23.41 9.35
C GLY B 256 -9.96 -22.51 10.09
N VAL B 257 -10.93 -21.96 9.36
CA VAL B 257 -11.94 -21.09 9.95
C VAL B 257 -12.78 -21.83 11.00
N ALA B 258 -13.16 -23.07 10.72
CA ALA B 258 -13.95 -23.86 11.66
C ALA B 258 -13.22 -24.09 12.97
N ALA B 259 -11.93 -24.41 12.90
CA ALA B 259 -11.14 -24.64 14.11
C ALA B 259 -11.11 -23.36 14.96
N CYS B 260 -10.89 -22.22 14.32
CA CYS B 260 -10.85 -20.95 15.06
C CYS B 260 -12.22 -20.59 15.66
N ALA B 261 -13.27 -20.75 14.86
CA ALA B 261 -14.63 -20.43 15.29
C ALA B 261 -15.09 -21.31 16.44
N HIS B 262 -14.72 -22.58 16.39
CA HIS B 262 -15.09 -23.51 17.45
C HIS B 262 -14.46 -23.05 18.76
N ARG B 263 -13.20 -22.64 18.70
CA ARG B 263 -12.50 -22.15 19.88
C ARG B 263 -13.14 -20.88 20.41
N ALA B 264 -13.51 -19.98 19.49
CA ALA B 264 -14.13 -18.72 19.87
C ALA B 264 -15.52 -18.84 20.47
N ALA B 265 -16.30 -19.81 20.00
CA ALA B 265 -17.66 -19.99 20.48
C ALA B 265 -17.88 -21.14 21.47
N GLY B 266 -16.87 -21.99 21.65
CA GLY B 266 -17.04 -23.10 22.58
C GLY B 266 -17.82 -24.25 21.96
N GLU B 267 -18.38 -24.02 20.77
CA GLU B 267 -19.13 -25.02 20.02
C GLU B 267 -19.32 -24.47 18.60
N LEU B 268 -19.86 -25.29 17.69
CA LEU B 268 -20.04 -24.82 16.32
C LEU B 268 -21.01 -25.63 15.47
N ASP B 269 -21.56 -24.95 14.46
CA ASP B 269 -22.47 -25.57 13.51
C ASP B 269 -21.72 -25.53 12.18
N THR B 270 -21.86 -26.58 11.38
CA THR B 270 -21.21 -26.64 10.07
C THR B 270 -22.24 -27.11 9.05
N VAL B 271 -21.98 -26.83 7.78
CA VAL B 271 -22.89 -27.22 6.72
C VAL B 271 -22.06 -27.44 5.46
N SER B 272 -22.40 -28.48 4.70
CA SER B 272 -21.70 -28.81 3.47
C SER B 272 -22.70 -28.95 2.36
N MET B 273 -22.30 -28.54 1.16
CA MET B 273 -23.13 -28.59 -0.03
C MET B 273 -22.53 -29.56 -1.05
N GLY B 274 -23.38 -30.37 -1.67
CA GLY B 274 -22.90 -31.32 -2.66
C GLY B 274 -23.94 -31.52 -3.75
N THR B 275 -23.51 -32.03 -4.91
CA THR B 275 -24.42 -32.27 -6.01
C THR B 275 -24.51 -33.76 -6.29
N ASP B 276 -25.30 -34.09 -7.31
CA ASP B 276 -25.50 -35.48 -7.71
C ASP B 276 -24.31 -36.01 -8.50
N THR B 277 -23.30 -35.16 -8.70
CA THR B 277 -22.12 -35.57 -9.42
C THR B 277 -20.91 -35.74 -8.50
N SER B 278 -20.82 -34.89 -7.48
CA SER B 278 -19.70 -34.96 -6.55
C SER B 278 -19.96 -34.17 -5.27
N ASN B 279 -19.12 -34.42 -4.28
CA ASN B 279 -19.22 -33.74 -3.00
C ASN B 279 -17.94 -33.96 -2.22
N GLU B 280 -17.84 -33.29 -1.08
CA GLU B 280 -16.67 -33.43 -0.22
C GLU B 280 -17.16 -33.74 1.18
N PHE B 281 -18.27 -34.48 1.27
CA PHE B 281 -18.83 -34.81 2.57
C PHE B 281 -17.90 -35.61 3.45
N ARG B 282 -17.16 -36.52 2.82
CA ARG B 282 -16.22 -37.37 3.55
C ARG B 282 -15.09 -36.54 4.14
N GLU B 283 -14.51 -35.67 3.32
CA GLU B 283 -13.41 -34.82 3.78
C GLU B 283 -13.89 -33.90 4.91
N ALA B 284 -15.11 -33.38 4.78
CA ALA B 284 -15.68 -32.50 5.78
C ALA B 284 -15.98 -33.22 7.09
N ARG B 285 -16.50 -34.44 7.01
CA ARG B 285 -16.81 -35.19 8.22
C ARG B 285 -15.58 -35.38 9.08
N ALA B 286 -14.41 -35.42 8.46
CA ALA B 286 -13.18 -35.59 9.21
C ALA B 286 -13.02 -34.43 10.19
N VAL B 287 -13.36 -33.23 9.74
CA VAL B 287 -13.26 -32.04 10.57
C VAL B 287 -14.44 -32.02 11.54
N VAL B 288 -15.60 -32.42 11.04
CA VAL B 288 -16.81 -32.48 11.83
C VAL B 288 -16.57 -33.34 13.08
N ASP B 289 -16.01 -34.53 12.88
CA ASP B 289 -15.75 -35.42 14.00
C ASP B 289 -14.64 -34.91 14.89
N HIS B 290 -13.60 -34.34 14.27
CA HIS B 290 -12.47 -33.82 15.01
C HIS B 290 -12.86 -32.70 15.98
N LEU B 291 -13.77 -31.84 15.53
CA LEU B 291 -14.23 -30.71 16.32
C LEU B 291 -15.56 -30.98 17.02
N ARG B 292 -16.22 -32.05 16.65
CA ARG B 292 -17.53 -32.43 17.21
C ARG B 292 -18.55 -31.30 17.02
N THR B 293 -18.76 -30.92 15.77
CA THR B 293 -19.71 -29.86 15.43
C THR B 293 -21.07 -30.43 15.07
N ARG B 294 -22.08 -29.57 15.04
CA ARG B 294 -23.42 -30.01 14.63
C ARG B 294 -23.39 -29.78 13.13
N HIS B 295 -23.30 -30.89 12.38
CA HIS B 295 -23.20 -30.85 10.93
C HIS B 295 -24.45 -31.23 10.15
N ARG B 296 -24.56 -30.67 8.96
CA ARG B 296 -25.68 -30.94 8.08
C ARG B 296 -25.14 -31.01 6.67
N GLU B 297 -25.56 -32.04 5.93
CA GLU B 297 -25.13 -32.20 4.54
C GLU B 297 -26.32 -31.94 3.64
N ILE B 298 -26.11 -31.13 2.62
CA ILE B 298 -27.17 -30.80 1.66
C ILE B 298 -26.72 -31.21 0.27
N THR B 299 -27.59 -31.92 -0.43
CA THR B 299 -27.30 -32.39 -1.78
C THR B 299 -28.35 -31.84 -2.72
N ILE B 300 -27.92 -31.20 -3.80
CA ILE B 300 -28.89 -30.67 -4.76
C ILE B 300 -28.52 -31.11 -6.16
N PRO B 301 -29.54 -31.42 -6.98
CA PRO B 301 -29.27 -31.86 -8.34
C PRO B 301 -28.52 -30.76 -9.09
N THR B 302 -27.66 -31.15 -10.03
CA THR B 302 -26.92 -30.18 -10.81
C THR B 302 -27.87 -29.22 -11.53
N THR B 303 -29.02 -29.70 -11.97
CA THR B 303 -29.98 -28.84 -12.66
C THR B 303 -30.48 -27.74 -11.73
N GLU B 304 -30.52 -28.04 -10.44
CA GLU B 304 -30.96 -27.07 -9.45
C GLU B 304 -29.86 -26.05 -9.18
N LEU B 305 -28.61 -26.50 -9.21
CA LEU B 305 -27.49 -25.61 -8.98
C LEU B 305 -27.36 -24.63 -10.15
N LEU B 306 -27.57 -25.11 -11.36
CA LEU B 306 -27.48 -24.26 -12.54
C LEU B 306 -28.65 -23.27 -12.59
N ALA B 307 -29.76 -23.65 -11.96
CA ALA B 307 -30.94 -22.80 -11.93
C ALA B 307 -30.66 -21.55 -11.08
N GLN B 308 -29.56 -21.58 -10.33
CA GLN B 308 -29.15 -20.47 -9.49
C GLN B 308 -28.50 -19.34 -10.31
N LEU B 309 -28.18 -19.62 -11.57
CA LEU B 309 -27.54 -18.61 -12.41
C LEU B 309 -28.12 -17.20 -12.29
N PRO B 310 -29.42 -17.02 -12.58
CA PRO B 310 -30.00 -15.68 -12.48
C PRO B 310 -29.90 -15.05 -11.08
N TYR B 311 -30.05 -15.88 -10.05
CA TYR B 311 -29.95 -15.38 -8.67
C TYR B 311 -28.54 -14.89 -8.36
N ALA B 312 -27.53 -15.64 -8.80
CA ALA B 312 -26.14 -15.26 -8.55
C ALA B 312 -25.81 -13.91 -9.21
N VAL B 313 -26.28 -13.71 -10.43
CA VAL B 313 -26.04 -12.44 -11.14
C VAL B 313 -26.84 -11.30 -10.52
N TRP B 314 -28.09 -11.60 -10.16
CA TRP B 314 -28.97 -10.62 -9.55
C TRP B 314 -28.41 -10.10 -8.22
N ALA B 315 -27.92 -11.02 -7.39
CA ALA B 315 -27.38 -10.69 -6.08
C ALA B 315 -25.98 -10.07 -6.10
N SER B 316 -25.07 -10.65 -6.88
CA SER B 316 -23.70 -10.14 -6.95
C SER B 316 -23.60 -8.92 -7.87
N GLU B 317 -24.55 -8.82 -8.80
CA GLU B 317 -24.57 -7.74 -9.77
C GLU B 317 -23.24 -7.72 -10.53
N SER B 318 -22.67 -8.90 -10.72
CA SER B 318 -21.41 -9.05 -11.43
C SER B 318 -21.62 -9.61 -12.84
N VAL B 319 -20.78 -9.19 -13.78
CA VAL B 319 -20.88 -9.67 -15.16
C VAL B 319 -19.76 -10.62 -15.52
N ASP B 320 -18.90 -10.91 -14.55
CA ASP B 320 -17.78 -11.82 -14.76
C ASP B 320 -18.24 -13.26 -14.57
N PRO B 321 -18.22 -14.06 -15.65
CA PRO B 321 -18.65 -15.46 -15.58
C PRO B 321 -17.86 -16.30 -14.58
N ASP B 322 -16.58 -16.00 -14.43
CA ASP B 322 -15.74 -16.72 -13.48
C ASP B 322 -16.26 -16.60 -12.06
N ILE B 323 -16.61 -15.38 -11.68
CA ILE B 323 -17.14 -15.13 -10.35
C ILE B 323 -18.49 -15.80 -10.17
N ILE B 324 -19.33 -15.70 -11.19
CA ILE B 324 -20.65 -16.30 -11.16
C ILE B 324 -20.57 -17.81 -10.96
N GLU B 325 -19.60 -18.46 -11.60
CA GLU B 325 -19.45 -19.90 -11.44
C GLU B 325 -19.17 -20.24 -9.99
N TYR B 326 -18.20 -19.54 -9.41
CA TYR B 326 -17.81 -19.78 -8.03
C TYR B 326 -18.95 -19.56 -7.05
N LEU B 327 -19.79 -18.58 -7.33
CA LEU B 327 -20.90 -18.27 -6.43
C LEU B 327 -22.14 -19.15 -6.56
N LEU B 328 -22.29 -19.86 -7.67
CA LEU B 328 -23.46 -20.72 -7.85
C LEU B 328 -23.68 -21.68 -6.69
N PRO B 329 -22.65 -22.44 -6.31
CA PRO B 329 -22.79 -23.39 -5.19
C PRO B 329 -23.19 -22.69 -3.88
N LEU B 330 -22.58 -21.54 -3.60
CA LEU B 330 -22.87 -20.80 -2.39
C LEU B 330 -24.29 -20.24 -2.40
N THR B 331 -24.71 -19.67 -3.53
CA THR B 331 -26.05 -19.11 -3.64
C THR B 331 -27.07 -20.21 -3.33
N ALA B 332 -26.84 -21.40 -3.89
CA ALA B 332 -27.73 -22.53 -3.69
C ALA B 332 -27.75 -22.95 -2.23
N LEU B 333 -26.58 -22.92 -1.59
CA LEU B 333 -26.49 -23.32 -0.19
C LEU B 333 -27.22 -22.32 0.70
N TYR B 334 -26.98 -21.03 0.51
CA TYR B 334 -27.65 -20.04 1.36
C TYR B 334 -29.16 -20.12 1.19
N ARG B 335 -29.64 -20.38 -0.02
CA ARG B 335 -31.09 -20.49 -0.21
C ARG B 335 -31.62 -21.82 0.32
N ALA B 336 -30.76 -22.82 0.40
CA ALA B 336 -31.18 -24.13 0.88
C ALA B 336 -31.33 -24.25 2.40
N LEU B 337 -30.64 -23.40 3.15
CA LEU B 337 -30.74 -23.45 4.61
C LEU B 337 -32.20 -23.30 5.02
N ASP B 338 -32.60 -24.00 6.08
CA ASP B 338 -33.99 -23.95 6.54
C ASP B 338 -34.26 -23.19 7.85
N GLY B 339 -33.42 -23.40 8.86
CA GLY B 339 -33.65 -22.74 10.13
C GLY B 339 -33.74 -21.22 10.12
N PRO B 340 -33.53 -20.61 11.30
CA PRO B 340 -33.59 -19.15 11.42
C PRO B 340 -32.40 -18.49 10.72
N GLU B 341 -32.46 -17.17 10.57
CA GLU B 341 -31.39 -16.40 9.93
C GLU B 341 -30.10 -16.58 10.71
N ARG B 342 -29.03 -16.98 10.01
CA ARG B 342 -27.75 -17.24 10.66
C ARG B 342 -26.60 -16.27 10.36
N ARG B 343 -25.63 -16.25 11.27
CA ARG B 343 -24.39 -15.48 11.09
C ARG B 343 -23.49 -16.60 10.55
N ILE B 344 -22.99 -16.44 9.33
CA ILE B 344 -22.18 -17.44 8.65
C ILE B 344 -20.76 -16.99 8.35
N LEU B 345 -19.78 -17.85 8.62
CA LEU B 345 -18.38 -17.53 8.31
C LEU B 345 -17.93 -18.54 7.25
N THR B 346 -17.11 -18.11 6.29
CA THR B 346 -16.63 -18.99 5.22
C THR B 346 -15.11 -18.89 5.10
N GLY B 347 -14.52 -19.85 4.41
CA GLY B 347 -13.08 -19.84 4.21
C GLY B 347 -12.74 -19.26 2.85
N TYR B 348 -13.64 -18.42 2.34
CA TYR B 348 -13.44 -17.81 1.03
C TYR B 348 -12.24 -16.85 0.90
N GLY B 349 -11.63 -16.86 -0.29
CA GLY B 349 -10.54 -15.96 -0.60
C GLY B 349 -9.14 -16.21 -0.08
N ALA B 350 -8.90 -17.32 0.61
CA ALA B 350 -7.57 -17.58 1.12
C ALA B 350 -6.59 -17.76 -0.04
N ASP B 351 -7.08 -18.31 -1.16
CA ASP B 351 -6.25 -18.55 -2.34
C ASP B 351 -5.64 -17.30 -2.99
N ILE B 352 -6.33 -16.17 -2.88
CA ILE B 352 -5.87 -14.94 -3.51
C ILE B 352 -4.54 -14.39 -2.97
N PRO B 353 -4.48 -14.04 -1.66
CA PRO B 353 -3.22 -13.52 -1.14
C PRO B 353 -2.13 -14.58 -1.02
N LEU B 354 -2.53 -15.85 -1.02
CA LEU B 354 -1.56 -16.93 -0.90
C LEU B 354 -1.21 -17.59 -2.23
N GLY B 355 -1.83 -17.11 -3.31
CA GLY B 355 -1.56 -17.68 -4.62
C GLY B 355 -1.88 -19.17 -4.63
N GLY B 356 -2.95 -19.55 -3.94
CA GLY B 356 -3.32 -20.94 -3.85
C GLY B 356 -3.58 -21.63 -5.19
N MET B 357 -3.93 -20.83 -6.20
CA MET B 357 -4.22 -21.36 -7.52
C MET B 357 -2.97 -21.43 -8.40
N HIS B 358 -1.80 -21.40 -7.77
CA HIS B 358 -0.55 -21.48 -8.51
C HIS B 358 -0.25 -22.91 -8.94
N LEU B 363 8.28 -20.04 -8.11
CA LEU B 363 7.93 -18.96 -7.19
C LEU B 363 7.63 -17.62 -7.88
N PRO B 364 8.41 -17.26 -8.91
CA PRO B 364 8.13 -15.97 -9.57
C PRO B 364 6.69 -15.82 -10.04
N ALA B 365 6.17 -16.83 -10.72
CA ALA B 365 4.79 -16.78 -11.21
C ALA B 365 3.80 -16.57 -10.07
N LEU B 366 4.10 -17.16 -8.91
CA LEU B 366 3.23 -17.04 -7.75
C LEU B 366 3.02 -15.58 -7.35
N ASP B 367 4.10 -14.81 -7.21
CA ASP B 367 3.99 -13.40 -6.86
C ASP B 367 3.36 -12.58 -7.98
N THR B 368 3.61 -12.97 -9.23
CA THR B 368 3.06 -12.24 -10.39
C THR B 368 1.54 -12.30 -10.39
N VAL B 369 0.99 -13.50 -10.20
CA VAL B 369 -0.46 -13.68 -10.18
C VAL B 369 -1.05 -13.03 -8.94
N LEU B 370 -0.37 -13.18 -7.80
CA LEU B 370 -0.83 -12.60 -6.55
C LEU B 370 -0.98 -11.08 -6.68
N ALA B 371 0.09 -10.41 -7.11
CA ALA B 371 0.06 -8.97 -7.28
C ALA B 371 -1.02 -8.55 -8.26
N HIS B 372 -1.19 -9.35 -9.30
CA HIS B 372 -2.21 -9.06 -10.32
C HIS B 372 -3.61 -9.19 -9.71
N ASP B 373 -3.86 -10.29 -9.00
CA ASP B 373 -5.17 -10.51 -8.38
C ASP B 373 -5.53 -9.43 -7.37
N MET B 374 -4.57 -9.01 -6.55
CA MET B 374 -4.83 -7.99 -5.54
C MET B 374 -5.10 -6.62 -6.15
N ALA B 375 -4.68 -6.42 -7.39
CA ALA B 375 -4.90 -5.14 -8.05
C ALA B 375 -6.12 -5.20 -8.98
N THR B 376 -6.84 -6.31 -8.99
CA THR B 376 -8.00 -6.44 -9.87
C THR B 376 -9.24 -7.08 -9.26
N PHE B 377 -9.26 -7.24 -7.94
CA PHE B 377 -10.41 -7.86 -7.27
C PHE B 377 -11.57 -6.89 -7.14
N ASP B 378 -11.25 -5.59 -7.08
CA ASP B 378 -12.28 -4.58 -6.92
C ASP B 378 -13.24 -4.52 -8.10
N GLY B 379 -14.53 -4.67 -7.81
CA GLY B 379 -15.53 -4.63 -8.87
C GLY B 379 -16.10 -6.00 -9.15
N LEU B 380 -15.44 -7.05 -8.66
CA LEU B 380 -15.92 -8.41 -8.86
C LEU B 380 -17.11 -8.73 -7.95
N ASN B 381 -17.16 -8.06 -6.80
CA ASN B 381 -18.23 -8.26 -5.82
C ASN B 381 -18.36 -9.71 -5.37
N GLU B 382 -17.31 -10.50 -5.51
CA GLU B 382 -17.42 -11.92 -5.14
C GLU B 382 -17.62 -12.19 -3.65
N MET B 383 -17.50 -11.14 -2.84
CA MET B 383 -17.65 -11.24 -1.38
C MET B 383 -18.90 -10.52 -0.89
N SER B 384 -19.75 -10.05 -1.79
CA SER B 384 -20.95 -9.32 -1.37
C SER B 384 -21.85 -10.07 -0.41
N PRO B 385 -22.36 -9.37 0.62
CA PRO B 385 -23.25 -10.04 1.58
C PRO B 385 -24.60 -10.39 0.96
N VAL B 386 -24.96 -9.71 -0.13
CA VAL B 386 -26.25 -9.97 -0.77
C VAL B 386 -26.39 -11.44 -1.20
N LEU B 387 -25.27 -12.09 -1.51
CA LEU B 387 -25.30 -13.49 -1.91
C LEU B 387 -26.03 -14.35 -0.88
N SER B 388 -25.89 -14.02 0.40
CA SER B 388 -26.55 -14.78 1.45
C SER B 388 -27.72 -14.02 2.07
N THR B 389 -27.68 -12.68 2.06
CA THR B 389 -28.77 -11.91 2.65
C THR B 389 -30.02 -11.98 1.79
N LEU B 390 -29.90 -12.48 0.57
CA LEU B 390 -31.08 -12.60 -0.29
C LEU B 390 -31.96 -13.67 0.36
N ALA B 391 -31.37 -14.42 1.29
CA ALA B 391 -32.07 -15.46 2.02
C ALA B 391 -32.09 -15.11 3.52
N GLY B 392 -31.79 -13.85 3.82
CA GLY B 392 -31.80 -13.37 5.20
C GLY B 392 -30.62 -13.73 6.08
N HIS B 393 -29.62 -14.40 5.50
CA HIS B 393 -28.42 -14.80 6.25
C HIS B 393 -27.28 -13.84 6.04
N TRP B 394 -26.49 -13.63 7.09
CA TRP B 394 -25.32 -12.74 7.01
C TRP B 394 -24.06 -13.60 6.89
N THR B 395 -23.15 -13.17 6.02
CA THR B 395 -21.88 -13.86 5.80
C THR B 395 -20.72 -12.90 5.98
N THR B 396 -19.63 -13.41 6.54
CA THR B 396 -18.43 -12.62 6.71
C THR B 396 -17.28 -13.56 6.36
N HIS B 397 -16.19 -12.99 5.85
CA HIS B 397 -15.05 -13.77 5.39
C HIS B 397 -13.73 -13.45 6.05
N PRO B 398 -13.35 -14.22 7.08
CA PRO B 398 -12.10 -14.04 7.84
C PRO B 398 -10.80 -13.82 7.07
N TYR B 399 -10.58 -14.57 5.99
CA TYR B 399 -9.33 -14.41 5.26
C TYR B 399 -9.16 -13.04 4.62
N TRP B 400 -10.26 -12.32 4.41
CA TRP B 400 -10.13 -10.98 3.83
C TRP B 400 -10.26 -9.87 4.87
N ASP B 401 -10.02 -10.25 6.12
CA ASP B 401 -10.01 -9.29 7.24
C ASP B 401 -8.78 -8.43 6.88
N ARG B 402 -8.80 -7.14 7.22
CA ARG B 402 -7.69 -6.25 6.86
C ARG B 402 -6.34 -6.65 7.46
N GLU B 403 -6.36 -7.14 8.70
CA GLU B 403 -5.12 -7.54 9.35
C GLU B 403 -4.61 -8.85 8.77
N VAL B 404 -5.50 -9.80 8.55
CA VAL B 404 -5.11 -11.08 7.99
C VAL B 404 -4.58 -10.88 6.58
N LEU B 405 -5.34 -10.12 5.80
CA LEU B 405 -4.97 -9.84 4.43
C LEU B 405 -3.58 -9.20 4.36
N ASP B 406 -3.36 -8.14 5.14
CA ASP B 406 -2.07 -7.46 5.15
C ASP B 406 -0.93 -8.42 5.46
N LEU B 407 -1.18 -9.33 6.38
CA LEU B 407 -0.14 -10.27 6.75
C LEU B 407 0.16 -11.27 5.65
N LEU B 408 -0.87 -11.94 5.16
CA LEU B 408 -0.67 -12.94 4.12
C LEU B 408 -0.01 -12.33 2.87
N VAL B 409 -0.50 -11.18 2.44
CA VAL B 409 0.09 -10.52 1.28
C VAL B 409 1.58 -10.21 1.48
N SER B 410 1.94 -9.76 2.66
CA SER B 410 3.33 -9.41 2.98
C SER B 410 4.33 -10.56 3.04
N LEU B 411 3.86 -11.77 3.33
CA LEU B 411 4.73 -12.93 3.43
C LEU B 411 5.46 -13.25 2.13
N GLU B 412 6.74 -13.63 2.23
CA GLU B 412 7.52 -13.96 1.04
C GLU B 412 6.96 -15.22 0.37
N ALA B 413 6.98 -15.24 -0.97
CA ALA B 413 6.43 -16.36 -1.74
C ALA B 413 6.87 -17.76 -1.28
N GLY B 414 8.06 -17.84 -0.71
CA GLY B 414 8.58 -19.11 -0.24
C GLY B 414 7.80 -19.72 0.90
N LEU B 415 7.02 -18.89 1.59
CA LEU B 415 6.22 -19.38 2.70
C LEU B 415 4.84 -19.82 2.19
N LYS B 416 4.46 -19.33 1.02
CA LYS B 416 3.17 -19.66 0.45
C LYS B 416 3.16 -20.98 -0.30
N ARG B 417 4.26 -21.28 -0.98
CA ARG B 417 4.38 -22.52 -1.72
C ARG B 417 5.66 -23.22 -1.28
N ARG B 418 5.51 -24.35 -0.61
CA ARG B 418 6.67 -25.09 -0.11
C ARG B 418 6.32 -26.56 0.07
N HIS B 419 7.35 -27.40 0.09
CA HIS B 419 7.16 -28.84 0.27
C HIS B 419 6.13 -29.39 -0.71
N GLY B 420 6.01 -28.76 -1.88
CA GLY B 420 5.06 -29.23 -2.86
C GLY B 420 3.61 -29.06 -2.43
N ARG B 421 3.35 -28.05 -1.61
CA ARG B 421 2.01 -27.78 -1.13
C ARG B 421 1.65 -26.31 -1.27
N ASP B 422 0.40 -26.05 -1.64
CA ASP B 422 -0.10 -24.69 -1.79
C ASP B 422 -0.41 -24.12 -0.42
N LYS B 423 -0.34 -22.79 -0.30
CA LYS B 423 -0.58 -22.08 0.95
C LYS B 423 -0.07 -22.84 2.16
N TRP B 424 1.19 -23.24 2.08
CA TRP B 424 1.82 -23.99 3.15
C TRP B 424 1.76 -23.27 4.49
N VAL B 425 2.00 -21.96 4.47
CA VAL B 425 1.98 -21.21 5.72
C VAL B 425 0.65 -21.35 6.48
N LEU B 426 -0.45 -21.50 5.75
CA LEU B 426 -1.77 -21.65 6.37
C LEU B 426 -1.97 -23.07 6.91
N ARG B 427 -1.47 -24.06 6.17
CA ARG B 427 -1.58 -25.44 6.59
C ARG B 427 -0.76 -25.60 7.88
N ALA B 428 0.44 -25.02 7.88
CA ALA B 428 1.33 -25.08 9.03
C ALA B 428 0.73 -24.37 10.23
N ALA B 429 0.14 -23.21 10.00
CA ALA B 429 -0.46 -22.45 11.09
C ALA B 429 -1.57 -23.24 11.80
N MET B 430 -2.29 -24.08 11.06
CA MET B 430 -3.39 -24.88 11.62
C MET B 430 -3.05 -26.35 11.88
N ALA B 431 -1.80 -26.74 11.67
CA ALA B 431 -1.36 -28.12 11.85
C ALA B 431 -1.64 -28.78 13.19
N ASP B 432 -1.83 -27.99 14.24
CA ASP B 432 -2.08 -28.54 15.57
C ASP B 432 -3.53 -28.45 16.00
N ALA B 433 -4.41 -28.06 15.07
CA ALA B 433 -5.83 -27.92 15.38
C ALA B 433 -6.73 -28.80 14.54
N LEU B 434 -6.14 -29.48 13.57
CA LEU B 434 -6.89 -30.35 12.66
C LEU B 434 -6.12 -31.63 12.36
N PRO B 435 -6.81 -32.66 11.85
CA PRO B 435 -6.10 -33.91 11.53
C PRO B 435 -5.15 -33.72 10.35
N ALA B 436 -4.09 -34.53 10.31
CA ALA B 436 -3.09 -34.44 9.24
C ALA B 436 -3.69 -34.51 7.85
N GLU B 437 -4.71 -35.38 7.70
CA GLU B 437 -5.37 -35.54 6.40
C GLU B 437 -6.01 -34.25 5.91
N THR B 438 -6.43 -33.41 6.83
CA THR B 438 -7.06 -32.14 6.47
C THR B 438 -6.01 -31.08 6.13
N VAL B 439 -5.01 -30.93 7.00
CA VAL B 439 -3.95 -29.94 6.79
C VAL B 439 -3.13 -30.27 5.54
N ASN B 440 -3.22 -31.52 5.09
CA ASN B 440 -2.48 -31.97 3.91
C ASN B 440 -3.40 -32.60 2.88
N ARG B 441 -4.28 -31.80 2.28
CA ARG B 441 -5.19 -32.30 1.28
C ARG B 441 -5.24 -31.35 0.09
N THR B 452 -12.21 -31.85 -14.52
CA THR B 452 -13.23 -31.45 -13.49
C THR B 452 -13.60 -30.00 -13.97
N THR B 453 -14.30 -30.13 -15.12
CA THR B 453 -15.02 -29.11 -15.85
C THR B 453 -16.29 -28.81 -14.99
N SER B 454 -16.40 -27.54 -14.68
CA SER B 454 -17.46 -27.05 -13.81
C SER B 454 -18.86 -27.30 -14.41
N SER B 455 -19.89 -27.20 -13.55
CA SER B 455 -21.27 -27.44 -13.96
C SER B 455 -21.67 -26.44 -15.03
N PHE B 456 -21.20 -25.21 -14.90
CA PHE B 456 -21.54 -24.18 -15.86
C PHE B 456 -20.91 -24.50 -17.22
N SER B 457 -19.66 -24.96 -17.20
CA SER B 457 -18.98 -25.32 -18.44
C SER B 457 -19.67 -26.54 -19.07
N ARG B 458 -20.03 -27.51 -18.24
CA ARG B 458 -20.71 -28.72 -18.70
C ARG B 458 -22.01 -28.34 -19.42
N LEU B 459 -22.78 -27.45 -18.79
CA LEU B 459 -24.04 -27.00 -19.34
C LEU B 459 -23.92 -26.52 -20.78
N LEU B 460 -22.91 -25.70 -21.05
CA LEU B 460 -22.72 -25.20 -22.42
C LEU B 460 -22.20 -26.29 -23.35
N LEU B 461 -21.33 -27.14 -22.81
CA LEU B 461 -20.78 -28.25 -23.61
C LEU B 461 -21.89 -29.23 -23.99
N ASP B 462 -22.88 -29.37 -23.10
CA ASP B 462 -24.00 -30.28 -23.35
C ASP B 462 -24.97 -29.65 -24.35
N HIS B 463 -24.75 -28.38 -24.67
CA HIS B 463 -25.60 -27.68 -25.62
C HIS B 463 -24.93 -27.68 -26.98
N GLY B 464 -23.80 -28.35 -27.08
CA GLY B 464 -23.07 -28.42 -28.33
C GLY B 464 -22.17 -27.23 -28.59
N VAL B 465 -21.73 -26.55 -27.54
CA VAL B 465 -20.84 -25.40 -27.70
C VAL B 465 -19.39 -25.87 -27.80
N ALA B 466 -18.66 -25.33 -28.77
CA ALA B 466 -17.26 -25.71 -28.95
C ALA B 466 -16.42 -25.37 -27.72
N GLU B 467 -15.52 -26.29 -27.36
CA GLU B 467 -14.64 -26.12 -26.21
C GLU B 467 -13.90 -24.79 -26.22
N ASP B 468 -13.57 -24.29 -27.40
CA ASP B 468 -12.84 -23.03 -27.53
C ASP B 468 -13.71 -21.80 -27.41
N ARG B 469 -15.02 -22.00 -27.34
CA ARG B 469 -15.95 -20.88 -27.24
C ARG B 469 -16.83 -20.95 -25.99
N VAL B 470 -16.57 -21.92 -25.12
CA VAL B 470 -17.36 -22.06 -23.90
C VAL B 470 -17.29 -20.84 -22.98
N HIS B 471 -16.08 -20.41 -22.63
CA HIS B 471 -15.92 -19.26 -21.76
C HIS B 471 -16.65 -18.02 -22.27
N GLU B 472 -16.46 -17.70 -23.54
CA GLU B 472 -17.11 -16.55 -24.15
C GLU B 472 -18.63 -16.72 -24.09
N ALA B 473 -19.09 -17.96 -24.27
CA ALA B 473 -20.51 -18.27 -24.23
C ALA B 473 -21.06 -17.99 -22.83
N LYS B 474 -20.21 -18.20 -21.84
CA LYS B 474 -20.60 -17.98 -20.45
C LYS B 474 -20.74 -16.49 -20.13
N ARG B 475 -19.78 -15.68 -20.53
CA ARG B 475 -19.86 -14.25 -20.26
C ARG B 475 -21.07 -13.65 -20.95
N GLN B 476 -21.47 -14.25 -22.07
CA GLN B 476 -22.64 -13.77 -22.80
C GLN B 476 -23.89 -14.16 -22.03
N VAL B 477 -23.90 -15.36 -21.48
CA VAL B 477 -25.07 -15.81 -20.71
C VAL B 477 -25.26 -14.91 -19.51
N VAL B 478 -24.18 -14.67 -18.78
CA VAL B 478 -24.20 -13.83 -17.59
C VAL B 478 -24.60 -12.38 -17.94
N ARG B 479 -24.08 -11.86 -19.04
CA ARG B 479 -24.42 -10.51 -19.45
C ARG B 479 -25.92 -10.38 -19.66
N GLU B 480 -26.49 -11.32 -20.41
CA GLU B 480 -27.92 -11.30 -20.68
C GLU B 480 -28.74 -11.43 -19.39
N LEU B 481 -28.29 -12.26 -18.47
CA LEU B 481 -28.99 -12.45 -17.19
C LEU B 481 -28.97 -11.16 -16.39
N PHE B 482 -27.87 -10.41 -16.52
CA PHE B 482 -27.67 -9.14 -15.84
C PHE B 482 -28.60 -8.09 -16.41
N ASP B 483 -28.66 -8.00 -17.74
CA ASP B 483 -29.52 -7.01 -18.38
C ASP B 483 -30.98 -7.25 -18.03
N LEU B 484 -31.33 -8.50 -17.76
CA LEU B 484 -32.71 -8.82 -17.41
C LEU B 484 -33.06 -8.50 -15.96
N THR B 485 -32.23 -8.97 -15.04
CA THR B 485 -32.48 -8.78 -13.61
C THR B 485 -32.05 -7.42 -13.02
N VAL B 486 -30.77 -7.10 -13.15
CA VAL B 486 -30.25 -5.85 -12.61
C VAL B 486 -30.62 -4.64 -13.47
N GLY B 487 -30.49 -4.77 -14.77
CA GLY B 487 -30.82 -3.66 -15.67
C GLY B 487 -32.28 -3.61 -16.08
N GLY B 488 -32.96 -4.75 -16.04
CA GLY B 488 -34.36 -4.78 -16.43
C GLY B 488 -35.35 -4.83 -15.28
N GLY B 489 -34.84 -4.79 -14.05
CA GLY B 489 -35.72 -4.83 -12.90
C GLY B 489 -36.59 -6.07 -12.82
N ARG B 490 -36.07 -7.18 -13.35
CA ARG B 490 -36.82 -8.44 -13.34
C ARG B 490 -36.30 -9.39 -12.26
N HIS B 491 -37.20 -10.10 -11.60
CA HIS B 491 -36.78 -11.02 -10.56
C HIS B 491 -36.23 -12.31 -11.18
N PRO B 492 -35.22 -12.93 -10.54
CA PRO B 492 -34.61 -14.16 -11.04
C PRO B 492 -35.61 -15.28 -11.33
N SER B 493 -36.63 -15.37 -10.48
CA SER B 493 -37.66 -16.38 -10.61
C SER B 493 -38.41 -16.33 -11.93
N GLU B 494 -38.52 -15.14 -12.52
CA GLU B 494 -39.24 -14.99 -13.77
C GLU B 494 -38.33 -14.93 -14.99
N VAL B 495 -37.13 -15.51 -14.84
CA VAL B 495 -36.15 -15.54 -15.91
C VAL B 495 -36.04 -16.96 -16.48
N ASP B 496 -36.32 -17.08 -17.78
CA ASP B 496 -36.25 -18.37 -18.45
C ASP B 496 -34.78 -18.68 -18.76
N THR B 497 -34.06 -19.19 -17.77
CA THR B 497 -32.65 -19.51 -17.92
C THR B 497 -32.35 -20.41 -19.10
N ASP B 498 -33.14 -21.48 -19.26
CA ASP B 498 -32.92 -22.41 -20.36
C ASP B 498 -33.00 -21.70 -21.71
N ASP B 499 -33.96 -20.78 -21.83
CA ASP B 499 -34.13 -20.03 -23.05
C ASP B 499 -32.92 -19.16 -23.35
N VAL B 500 -32.39 -18.52 -22.31
CA VAL B 500 -31.21 -17.66 -22.45
C VAL B 500 -29.99 -18.46 -22.91
N VAL B 501 -29.71 -19.56 -22.21
CA VAL B 501 -28.56 -20.40 -22.57
C VAL B 501 -28.67 -20.96 -23.98
N ARG B 502 -29.85 -21.46 -24.33
CA ARG B 502 -30.10 -22.02 -25.65
C ARG B 502 -29.87 -20.93 -26.70
N SER B 503 -30.35 -19.73 -26.42
CA SER B 503 -30.21 -18.60 -27.34
C SER B 503 -28.74 -18.32 -27.61
N VAL B 504 -27.96 -18.19 -26.54
CA VAL B 504 -26.53 -17.93 -26.68
C VAL B 504 -25.82 -19.06 -27.41
N ALA B 505 -26.24 -20.29 -27.13
CA ALA B 505 -25.63 -21.45 -27.77
C ALA B 505 -25.80 -21.42 -29.28
N ASP B 506 -27.03 -21.14 -29.74
CA ASP B 506 -27.32 -21.09 -31.17
C ASP B 506 -26.55 -19.99 -31.88
N ARG B 507 -26.28 -18.89 -31.18
CA ARG B 507 -25.54 -17.78 -31.78
C ARG B 507 -24.04 -18.02 -31.71
N THR B 508 -23.64 -19.29 -31.63
CA THR B 508 -22.24 -19.63 -31.56
C THR B 508 -21.91 -20.70 -32.60
#